data_5ZXN
#
_entry.id   5ZXN
#
_cell.length_a   90.516
_cell.length_b   91.555
_cell.length_c   104.792
_cell.angle_alpha   90.000
_cell.angle_beta   90.000
_cell.angle_gamma   90.000
#
_symmetry.space_group_name_H-M   'P 21 21 21'
#
loop_
_entity.id
_entity.type
_entity.pdbx_description
1 polymer 'NADP-dependent oxidoreductase'
2 non-polymer '2-(N-MORPHOLINO)-ETHANESULFONIC ACID'
3 non-polymer 1,2-ETHANEDIOL
4 water water
#
_entity_poly.entity_id   1
_entity_poly.type   'polypeptide(L)'
_entity_poly.pdbx_seq_one_letter_code
;PTNRQIVLASRPVGAPTADNFALTQSDIPTPAQGE(MSE)LLRSVYLSLDPY(MSE)RGR(MSE)SDAKSYAEPVGIDEV
(MSE)VGGTVCQVEASNHAEFEVGEWVLAYTGWQDYALSDGEGLIKLGKQPSHPSYALGV(MSE)G(MSE)PGFTAY
(MSE)GLLDIGQPKEGDTLVVAAATGAVGS(MSE)VGQIGKLKGCRVIGIAGGEEKCQFAKDTLGFDECIDHKAADFAEQ
LAKVCHNGIDIYFENVGGKVFDAV(MSE)PLLNTGARIPLCGLISQYNATSLPEGPDR(MSE)S(MSE)L(MSE)AQLLI
KRIK(MSE)QGFIIFDDYGHRYGEFAAD(MSE)TQWLAQGKIHYREHLVQGLENAPDAFIGLLEGKNFGK(MSE)VVQTN
QPR
;
_entity_poly.pdbx_strand_id   A,B
#
loop_
_chem_comp.id
_chem_comp.type
_chem_comp.name
_chem_comp.formula
EDO non-polymer 1,2-ETHANEDIOL 'C2 H6 O2'
MES non-polymer '2-(N-MORPHOLINO)-ETHANESULFONIC ACID' 'C6 H13 N O4 S'
#
# COMPACT_ATOMS: atom_id res chain seq x y z
N PRO A 1 -30.58 -40.98 -7.40
CA PRO A 1 -29.30 -40.99 -6.69
C PRO A 1 -28.22 -40.23 -7.47
N THR A 2 -28.32 -38.91 -7.51
CA THR A 2 -27.48 -38.12 -8.41
C THR A 2 -26.84 -36.90 -7.75
N ASN A 3 -25.62 -36.59 -8.19
CA ASN A 3 -24.91 -35.36 -7.84
C ASN A 3 -25.26 -34.21 -8.79
N ARG A 4 -26.13 -33.30 -8.36
CA ARG A 4 -26.41 -32.13 -9.20
C ARG A 4 -25.26 -31.13 -9.13
N GLN A 5 -25.07 -30.40 -10.22
CA GLN A 5 -23.97 -29.44 -10.31
C GLN A 5 -24.44 -28.19 -11.03
N ILE A 6 -24.07 -27.03 -10.51
CA ILE A 6 -24.24 -25.79 -11.26
C ILE A 6 -22.88 -25.47 -11.88
N VAL A 7 -22.83 -25.44 -13.21
CA VAL A 7 -21.57 -25.21 -13.90
C VAL A 7 -21.60 -23.87 -14.62
N LEU A 8 -20.42 -23.37 -14.94
CA LEU A 8 -20.28 -22.14 -15.71
C LEU A 8 -20.52 -22.43 -17.20
N ALA A 9 -21.64 -21.94 -17.72
CA ALA A 9 -21.98 -22.19 -19.12
C ALA A 9 -21.24 -21.24 -20.05
N SER A 10 -21.20 -19.97 -19.69
CA SER A 10 -20.51 -18.94 -20.45
C SER A 10 -20.00 -17.82 -19.55
N ARG A 11 -18.96 -17.12 -19.96
CA ARG A 11 -18.48 -16.02 -19.13
C ARG A 11 -19.44 -14.84 -19.26
N PRO A 12 -19.82 -14.26 -18.13
CA PRO A 12 -20.71 -13.09 -18.11
C PRO A 12 -20.14 -11.92 -18.90
N VAL A 13 -21.03 -11.15 -19.51
CA VAL A 13 -20.65 -9.89 -20.11
C VAL A 13 -21.37 -8.81 -19.33
N GLY A 14 -20.63 -8.05 -18.55
CA GLY A 14 -21.26 -7.18 -17.56
C GLY A 14 -21.86 -8.02 -16.43
N ALA A 15 -23.05 -7.65 -15.99
CA ALA A 15 -23.74 -8.39 -14.94
C ALA A 15 -24.09 -9.82 -15.39
N PRO A 16 -23.85 -10.81 -14.50
CA PRO A 16 -24.20 -12.18 -14.87
C PRO A 16 -25.70 -12.32 -15.12
N THR A 17 -26.08 -13.22 -16.02
CA THR A 17 -27.48 -13.54 -16.25
C THR A 17 -27.68 -15.03 -16.05
N ALA A 18 -28.92 -15.49 -16.09
CA ALA A 18 -29.23 -16.90 -15.92
C ALA A 18 -28.50 -17.77 -16.93
N ASP A 19 -28.31 -17.25 -18.14
CA ASP A 19 -27.70 -18.02 -19.22
C ASP A 19 -26.25 -18.41 -18.94
N ASN A 20 -25.61 -17.70 -18.01
CA ASN A 20 -24.21 -17.97 -17.69
C ASN A 20 -24.01 -19.24 -16.86
N PHE A 21 -25.12 -19.80 -16.38
CA PHE A 21 -25.10 -20.96 -15.49
C PHE A 21 -25.92 -22.09 -16.08
N ALA A 22 -25.45 -23.32 -15.90
CA ALA A 22 -26.23 -24.47 -16.32
C ALA A 22 -26.32 -25.50 -15.18
N LEU A 23 -27.49 -26.11 -15.04
CA LEU A 23 -27.67 -27.19 -14.08
C LEU A 23 -27.46 -28.53 -14.78
N THR A 24 -26.58 -29.35 -14.22
CA THR A 24 -26.27 -30.64 -14.81
C THR A 24 -26.27 -31.73 -13.75
N GLN A 25 -26.25 -32.99 -14.17
CA GLN A 25 -26.21 -34.09 -13.23
C GLN A 25 -25.03 -34.99 -13.52
N SER A 26 -24.58 -35.69 -12.48
CA SER A 26 -23.47 -36.61 -12.59
C SER A 26 -23.62 -37.70 -11.55
N ASP A 27 -23.12 -38.90 -11.85
CA ASP A 27 -23.17 -39.97 -10.88
C ASP A 27 -22.34 -39.59 -9.67
N ILE A 28 -22.82 -39.92 -8.49
CA ILE A 28 -22.10 -39.64 -7.25
C ILE A 28 -20.73 -40.31 -7.25
N PRO A 29 -19.66 -39.51 -7.14
CA PRO A 29 -18.31 -40.09 -7.17
C PRO A 29 -18.09 -41.05 -6.00
N THR A 30 -17.15 -41.98 -6.16
CA THR A 30 -16.92 -43.00 -5.14
C THR A 30 -15.55 -42.82 -4.51
N PRO A 31 -15.53 -42.67 -3.17
CA PRO A 31 -14.28 -42.47 -2.43
C PRO A 31 -13.37 -43.69 -2.54
N ALA A 32 -12.15 -43.47 -3.04
CA ALA A 32 -11.26 -44.59 -3.34
C ALA A 32 -10.11 -44.71 -2.34
N GLN A 33 -10.43 -45.20 -1.15
CA GLN A 33 -9.44 -45.56 -0.12
C GLN A 33 -8.55 -44.40 0.30
N GLY A 34 -8.79 -43.86 1.49
CA GLY A 34 -8.09 -42.69 1.96
C GLY A 34 -8.83 -41.43 1.59
N GLU A 35 -9.97 -41.60 0.93
CA GLU A 35 -10.83 -40.49 0.52
C GLU A 35 -12.18 -40.58 1.21
N MSE A 36 -12.99 -39.54 1.07
CA MSE A 36 -14.32 -39.51 1.66
C MSE A 36 -15.32 -38.80 0.76
O MSE A 36 -14.94 -38.04 -0.14
CB MSE A 36 -14.29 -38.84 3.03
CG MSE A 36 -14.37 -37.31 2.99
SE MSE A 36 -13.68 -36.50 4.63
CE MSE A 36 -11.77 -36.70 4.27
N LEU A 37 -16.60 -39.04 1.00
CA LEU A 37 -17.65 -38.48 0.17
C LEU A 37 -18.43 -37.42 0.96
N LEU A 38 -18.31 -36.16 0.54
CA LEU A 38 -19.00 -35.06 1.20
C LEU A 38 -20.33 -34.75 0.54
N ARG A 39 -21.35 -34.54 1.37
CA ARG A 39 -22.66 -34.13 0.89
C ARG A 39 -23.01 -32.76 1.46
N SER A 40 -23.23 -31.79 0.58
CA SER A 40 -23.41 -30.40 1.01
C SER A 40 -24.76 -30.13 1.64
N VAL A 41 -24.78 -29.23 2.62
CA VAL A 41 -26.02 -28.74 3.19
C VAL A 41 -26.18 -27.26 2.94
N TYR A 42 -25.09 -26.51 3.09
CA TYR A 42 -25.11 -25.09 2.87
C TYR A 42 -24.04 -24.66 1.87
N LEU A 43 -24.39 -23.71 1.01
CA LEU A 43 -23.44 -23.15 0.05
C LEU A 43 -23.33 -21.64 0.22
N SER A 44 -22.10 -21.15 0.35
CA SER A 44 -21.89 -19.72 0.45
C SER A 44 -21.93 -19.07 -0.92
N LEU A 45 -22.61 -17.93 -1.04
CA LEU A 45 -22.52 -17.09 -2.22
C LEU A 45 -21.86 -15.77 -1.81
N ASP A 46 -20.79 -15.38 -2.51
CA ASP A 46 -19.98 -14.23 -2.13
C ASP A 46 -19.62 -13.39 -3.36
N PRO A 47 -19.49 -12.05 -3.18
CA PRO A 47 -19.15 -11.19 -4.33
C PRO A 47 -17.89 -11.60 -5.10
N TYR A 48 -16.87 -12.16 -4.44
CA TYR A 48 -15.62 -12.49 -5.14
C TYR A 48 -15.81 -13.54 -6.23
N MSE A 49 -16.90 -14.30 -6.18
CA MSE A 49 -17.17 -15.31 -7.20
C MSE A 49 -17.36 -14.71 -8.60
O MSE A 49 -17.06 -15.37 -9.59
CB MSE A 49 -18.39 -16.14 -6.81
CG MSE A 49 -18.11 -17.05 -5.64
SE MSE A 49 -19.77 -17.81 -4.91
CE MSE A 49 -18.93 -18.72 -3.43
N ARG A 50 -17.87 -13.48 -8.65
CA ARG A 50 -18.01 -12.77 -9.93
C ARG A 50 -16.66 -12.67 -10.63
N GLY A 51 -15.62 -12.40 -9.86
CA GLY A 51 -14.29 -12.32 -10.40
C GLY A 51 -13.83 -13.68 -10.88
N ARG A 52 -14.22 -14.73 -10.17
CA ARG A 52 -13.78 -16.08 -10.50
C ARG A 52 -14.41 -16.60 -11.79
N MSE A 53 -15.52 -15.99 -12.20
CA MSE A 53 -16.19 -16.36 -13.45
C MSE A 53 -15.60 -15.62 -14.63
O MSE A 53 -15.87 -15.96 -15.78
CB MSE A 53 -17.67 -16.04 -13.40
CG MSE A 53 -18.50 -16.69 -12.33
SE MSE A 53 -20.23 -15.78 -12.37
CE MSE A 53 -21.03 -16.69 -13.89
N SER A 54 -14.84 -14.56 -14.35
CA SER A 54 -14.28 -13.72 -15.41
C SER A 54 -12.90 -14.22 -15.79
N ASP A 55 -12.44 -13.80 -16.97
CA ASP A 55 -11.14 -14.22 -17.50
C ASP A 55 -10.00 -13.39 -16.92
N ALA A 56 -10.33 -12.33 -16.18
CA ALA A 56 -9.31 -11.44 -15.63
C ALA A 56 -8.23 -12.26 -14.91
N LYS A 57 -6.98 -11.82 -15.01
CA LYS A 57 -5.92 -12.49 -14.27
C LYS A 57 -6.15 -12.24 -12.81
N SER A 58 -5.98 -13.27 -12.00
CA SER A 58 -6.31 -13.14 -10.61
C SER A 58 -5.43 -14.06 -9.80
N TYR A 59 -5.79 -14.29 -8.54
CA TYR A 59 -5.00 -15.12 -7.65
C TYR A 59 -5.23 -16.60 -7.91
N ALA A 60 -6.27 -16.91 -8.69
CA ALA A 60 -6.63 -18.29 -9.00
C ALA A 60 -7.03 -18.41 -10.46
N GLU A 61 -6.88 -19.60 -11.05
CA GLU A 61 -7.37 -19.85 -12.41
C GLU A 61 -8.87 -19.60 -12.49
N PRO A 62 -9.32 -18.89 -13.54
CA PRO A 62 -10.76 -18.70 -13.73
C PRO A 62 -11.50 -20.03 -13.77
N VAL A 63 -12.75 -20.04 -13.34
CA VAL A 63 -13.55 -21.25 -13.44
C VAL A 63 -13.70 -21.62 -14.92
N GLY A 64 -13.37 -22.87 -15.24
CA GLY A 64 -13.49 -23.37 -16.61
C GLY A 64 -14.91 -23.47 -17.13
N ILE A 65 -15.07 -23.39 -18.45
CA ILE A 65 -16.37 -23.56 -19.07
C ILE A 65 -16.84 -24.98 -18.81
N ASP A 66 -18.12 -25.12 -18.44
CA ASP A 66 -18.72 -26.40 -18.06
C ASP A 66 -18.09 -27.04 -16.82
N GLU A 67 -17.31 -26.26 -16.05
CA GLU A 67 -16.82 -26.74 -14.75
C GLU A 67 -17.73 -26.25 -13.63
N VAL A 68 -17.72 -26.95 -12.51
CA VAL A 68 -18.60 -26.61 -11.39
C VAL A 68 -18.18 -25.27 -10.77
N MSE A 69 -19.16 -24.41 -10.52
CA MSE A 69 -18.89 -23.13 -9.86
C MSE A 69 -18.25 -23.38 -8.49
O MSE A 69 -18.55 -24.39 -7.83
CB MSE A 69 -20.18 -22.32 -9.72
CG MSE A 69 -20.50 -21.45 -10.93
SE MSE A 69 -19.07 -20.11 -11.19
CE MSE A 69 -19.12 -19.21 -9.45
N VAL A 70 -17.33 -22.51 -8.09
CA VAL A 70 -16.58 -22.70 -6.86
C VAL A 70 -17.22 -22.01 -5.66
N GLY A 71 -16.85 -22.44 -4.46
CA GLY A 71 -17.36 -21.81 -3.26
C GLY A 71 -17.25 -22.64 -2.01
N GLY A 72 -17.32 -21.94 -0.88
CA GLY A 72 -17.26 -22.56 0.42
C GLY A 72 -18.56 -23.28 0.73
N THR A 73 -18.45 -24.42 1.41
CA THR A 73 -19.64 -25.21 1.68
C THR A 73 -19.59 -25.76 3.09
N VAL A 74 -20.77 -25.95 3.66
CA VAL A 74 -20.89 -26.70 4.90
C VAL A 74 -21.54 -28.04 4.55
N CYS A 75 -20.79 -29.11 4.79
CA CYS A 75 -21.20 -30.46 4.42
C CYS A 75 -21.21 -31.38 5.64
N GLN A 76 -21.78 -32.56 5.48
CA GLN A 76 -21.52 -33.66 6.41
C GLN A 76 -20.93 -34.84 5.63
N VAL A 77 -20.19 -35.69 6.33
CA VAL A 77 -19.53 -36.83 5.70
C VAL A 77 -20.53 -37.96 5.41
N GLU A 78 -20.88 -38.12 4.14
CA GLU A 78 -21.78 -39.18 3.68
C GLU A 78 -21.19 -40.58 3.90
N ALA A 79 -19.91 -40.72 3.58
CA ALA A 79 -19.19 -41.99 3.70
C ALA A 79 -17.70 -41.74 3.71
N SER A 80 -16.98 -42.43 4.59
CA SER A 80 -15.55 -42.17 4.75
C SER A 80 -14.68 -43.43 4.73
N ASN A 81 -13.63 -43.38 3.92
CA ASN A 81 -12.58 -44.39 3.95
C ASN A 81 -11.23 -43.74 4.24
N HIS A 82 -11.26 -42.61 4.95
CA HIS A 82 -10.04 -41.81 5.13
C HIS A 82 -8.99 -42.43 6.08
N ALA A 83 -9.32 -42.77 7.34
CA ALA A 83 -10.62 -42.55 7.99
C ALA A 83 -10.42 -41.83 9.31
N GLU A 84 -9.85 -40.62 9.24
CA GLU A 84 -9.75 -39.75 10.40
C GLU A 84 -11.07 -38.98 10.53
N PHE A 85 -11.94 -39.21 9.56
CA PHE A 85 -13.26 -38.60 9.53
C PHE A 85 -14.31 -39.70 9.63
N GLU A 86 -15.21 -39.57 10.59
CA GLU A 86 -16.31 -40.53 10.74
C GLU A 86 -17.54 -40.03 9.98
N VAL A 87 -18.42 -40.95 9.61
CA VAL A 87 -19.64 -40.60 8.91
C VAL A 87 -20.55 -39.78 9.82
N GLY A 88 -21.24 -38.80 9.24
CA GLY A 88 -22.13 -37.92 9.99
C GLY A 88 -21.45 -36.66 10.51
N GLU A 89 -20.12 -36.62 10.43
CA GLU A 89 -19.35 -35.47 10.85
C GLU A 89 -19.57 -34.26 9.95
N TRP A 90 -19.90 -33.12 10.55
CA TRP A 90 -20.06 -31.87 9.81
C TRP A 90 -18.70 -31.22 9.54
N VAL A 91 -18.55 -30.62 8.36
CA VAL A 91 -17.27 -30.01 7.98
C VAL A 91 -17.44 -28.72 7.19
N LEU A 92 -16.48 -27.82 7.36
CA LEU A 92 -16.34 -26.66 6.49
C LEU A 92 -15.44 -27.09 5.35
N ALA A 93 -15.95 -27.03 4.13
CA ALA A 93 -15.16 -27.43 2.96
C ALA A 93 -15.26 -26.37 1.86
N TYR A 94 -14.63 -26.66 0.72
CA TYR A 94 -14.69 -25.76 -0.42
C TYR A 94 -15.07 -26.59 -1.66
N THR A 95 -16.28 -27.13 -1.67
CA THR A 95 -16.65 -28.11 -2.68
C THR A 95 -17.58 -27.55 -3.76
N GLY A 96 -17.90 -26.25 -3.66
CA GLY A 96 -18.60 -25.59 -4.74
C GLY A 96 -20.09 -25.86 -4.84
N TRP A 97 -20.66 -25.50 -5.98
CA TRP A 97 -22.09 -25.52 -6.17
C TRP A 97 -22.60 -26.88 -6.63
N GLN A 98 -22.37 -27.91 -5.81
CA GLN A 98 -22.86 -29.25 -6.12
C GLN A 98 -23.32 -29.98 -4.85
N ASP A 99 -24.02 -31.10 -5.05
CA ASP A 99 -24.46 -31.95 -3.95
C ASP A 99 -23.32 -32.71 -3.30
N TYR A 100 -22.42 -33.24 -4.12
CA TYR A 100 -21.41 -34.19 -3.64
C TYR A 100 -20.02 -33.88 -4.17
N ALA A 101 -19.01 -34.30 -3.42
CA ALA A 101 -17.62 -34.17 -3.85
C ALA A 101 -16.70 -35.06 -3.02
N LEU A 102 -15.59 -35.48 -3.63
CA LEU A 102 -14.61 -36.29 -2.93
C LEU A 102 -13.60 -35.40 -2.22
N SER A 103 -12.98 -35.93 -1.17
CA SER A 103 -12.06 -35.15 -0.37
C SER A 103 -10.99 -36.05 0.27
N ASP A 104 -9.74 -35.62 0.18
CA ASP A 104 -8.62 -36.33 0.80
C ASP A 104 -8.24 -35.72 2.14
N GLY A 105 -9.19 -35.01 2.76
CA GLY A 105 -8.95 -34.33 4.02
C GLY A 105 -8.22 -33.01 3.83
N GLU A 106 -8.92 -31.91 4.09
CA GLU A 106 -8.36 -30.57 3.94
C GLU A 106 -9.24 -29.53 4.65
N GLY A 107 -10.45 -29.94 5.00
CA GLY A 107 -11.39 -29.07 5.70
C GLY A 107 -11.11 -28.97 7.18
N LEU A 108 -12.12 -28.59 7.94
CA LEU A 108 -12.01 -28.59 9.39
C LEU A 108 -13.33 -29.01 10.02
N ILE A 109 -13.26 -29.92 10.98
CA ILE A 109 -14.45 -30.48 11.60
C ILE A 109 -15.20 -29.40 12.36
N LYS A 110 -16.50 -29.30 12.13
CA LYS A 110 -17.25 -28.16 12.62
C LYS A 110 -18.73 -28.44 12.67
N LEU A 111 -19.24 -28.74 13.86
CA LEU A 111 -18.40 -28.78 15.06
C LEU A 111 -18.40 -30.20 15.60
N GLY A 112 -18.58 -31.15 14.69
CA GLY A 112 -18.77 -32.53 15.08
C GLY A 112 -20.07 -33.04 14.50
N LYS A 113 -20.71 -33.97 15.20
CA LYS A 113 -21.88 -34.64 14.67
C LYS A 113 -23.14 -33.82 14.89
N GLN A 114 -23.15 -32.97 15.91
CA GLN A 114 -24.34 -32.19 16.21
C GLN A 114 -24.02 -30.75 16.59
N PRO A 115 -23.56 -29.96 15.61
CA PRO A 115 -23.19 -28.58 15.91
C PRO A 115 -24.39 -27.65 15.94
N SER A 116 -24.24 -26.55 16.65
CA SER A 116 -25.27 -25.53 16.70
C SER A 116 -24.87 -24.44 15.70
N HIS A 117 -25.85 -23.99 14.91
CA HIS A 117 -25.63 -23.02 13.84
C HIS A 117 -24.44 -23.35 12.94
N PRO A 118 -24.48 -24.50 12.24
CA PRO A 118 -23.34 -24.91 11.41
C PRO A 118 -23.15 -23.98 10.21
N SER A 119 -24.22 -23.34 9.76
CA SER A 119 -24.15 -22.38 8.65
C SER A 119 -23.33 -21.13 9.00
N TYR A 120 -23.11 -20.89 10.29
CA TYR A 120 -22.27 -19.79 10.77
C TYR A 120 -20.81 -19.91 10.32
N ALA A 121 -20.38 -21.14 10.00
CA ALA A 121 -19.02 -21.37 9.54
C ALA A 121 -18.78 -20.80 8.13
N LEU A 122 -19.82 -20.27 7.52
CA LEU A 122 -19.71 -19.59 6.23
C LEU A 122 -19.78 -18.07 6.39
N GLY A 123 -20.03 -17.61 7.60
CA GLY A 123 -20.21 -16.20 7.84
C GLY A 123 -19.33 -15.69 8.96
N VAL A 124 -19.96 -15.39 10.09
CA VAL A 124 -19.28 -14.80 11.24
C VAL A 124 -18.13 -15.66 11.75
N MSE A 125 -18.30 -16.98 11.71
CA MSE A 125 -17.24 -17.89 12.18
C MSE A 125 -16.40 -18.43 11.02
O MSE A 125 -15.60 -19.34 11.21
CB MSE A 125 -17.84 -19.05 12.98
CG MSE A 125 -18.46 -18.67 14.32
SE MSE A 125 -17.19 -17.91 15.56
CE MSE A 125 -15.73 -19.20 15.50
N GLY A 126 -16.59 -17.87 9.83
CA GLY A 126 -15.95 -18.39 8.65
C GLY A 126 -15.24 -17.32 7.83
N MSE A 127 -15.24 -17.50 6.52
CA MSE A 127 -14.42 -16.65 5.66
C MSE A 127 -14.70 -15.13 5.79
O MSE A 127 -13.75 -14.34 5.86
CB MSE A 127 -14.57 -17.11 4.20
CG MSE A 127 -13.75 -16.28 3.21
SE MSE A 127 -14.68 -14.68 2.56
CE MSE A 127 -16.03 -15.53 1.44
N PRO A 128 -15.99 -14.72 5.77
CA PRO A 128 -16.17 -13.25 5.88
C PRO A 128 -15.72 -12.70 7.22
N GLY A 129 -16.00 -13.38 8.33
CA GLY A 129 -15.51 -12.90 9.61
C GLY A 129 -13.99 -12.87 9.69
N PHE A 130 -13.36 -13.91 9.16
CA PHE A 130 -11.92 -14.05 9.19
C PHE A 130 -11.24 -12.99 8.30
N THR A 131 -11.86 -12.72 7.15
CA THR A 131 -11.41 -11.66 6.25
C THR A 131 -11.36 -10.31 6.97
N ALA A 132 -12.48 -9.97 7.61
CA ALA A 132 -12.59 -8.74 8.41
C ALA A 132 -11.54 -8.66 9.52
N TYR A 133 -11.43 -9.75 10.28
CA TYR A 133 -10.51 -9.84 11.41
C TYR A 133 -9.07 -9.64 10.99
N MSE A 134 -8.63 -10.44 10.03
CA MSE A 134 -7.26 -10.37 9.52
C MSE A 134 -6.95 -9.02 8.89
O MSE A 134 -5.94 -8.39 9.20
CB MSE A 134 -7.04 -11.46 8.47
CG MSE A 134 -7.11 -12.85 9.03
SE MSE A 134 -5.60 -13.19 10.21
CE MSE A 134 -4.18 -12.75 8.95
N GLY A 135 -7.85 -8.57 8.01
CA GLY A 135 -7.65 -7.31 7.30
C GLY A 135 -7.63 -6.13 8.25
N LEU A 136 -8.63 -6.04 9.12
CA LEU A 136 -8.70 -4.89 10.03
C LEU A 136 -7.60 -4.87 11.09
N LEU A 137 -7.41 -5.99 11.77
CA LEU A 137 -6.48 -6.00 12.89
C LEU A 137 -5.00 -6.02 12.45
N ASP A 138 -4.68 -6.80 11.43
CA ASP A 138 -3.27 -6.93 11.02
C ASP A 138 -2.81 -5.77 10.11
N ILE A 139 -3.68 -5.31 9.24
CA ILE A 139 -3.30 -4.23 8.32
C ILE A 139 -3.84 -2.89 8.83
N GLY A 140 -5.10 -2.86 9.24
CA GLY A 140 -5.69 -1.62 9.72
C GLY A 140 -5.09 -1.13 11.02
N GLN A 141 -4.80 -2.07 11.92
CA GLN A 141 -4.21 -1.77 13.23
C GLN A 141 -4.96 -0.62 13.95
N PRO A 142 -6.22 -0.85 14.28
CA PRO A 142 -7.04 0.21 14.87
C PRO A 142 -6.52 0.63 16.24
N LYS A 143 -6.49 1.93 16.48
CA LYS A 143 -6.25 2.48 17.80
C LYS A 143 -7.50 3.19 18.29
N GLU A 144 -7.67 3.26 19.62
CA GLU A 144 -8.71 4.06 20.23
C GLU A 144 -8.78 5.46 19.60
N GLY A 145 -9.95 5.81 19.08
CA GLY A 145 -10.13 7.14 18.50
C GLY A 145 -9.96 7.20 16.98
N ASP A 146 -9.49 6.11 16.39
CA ASP A 146 -9.38 6.04 14.92
C ASP A 146 -10.75 6.13 14.27
N THR A 147 -10.83 6.82 13.13
CA THR A 147 -12.01 6.78 12.32
C THR A 147 -11.89 5.73 11.23
N LEU A 148 -12.79 4.77 11.29
CA LEU A 148 -12.87 3.64 10.35
C LEU A 148 -14.05 3.79 9.40
N VAL A 149 -13.77 3.65 8.12
CA VAL A 149 -14.81 3.71 7.10
C VAL A 149 -14.84 2.40 6.32
N VAL A 150 -16.02 1.87 6.08
CA VAL A 150 -16.14 0.65 5.26
C VAL A 150 -17.43 0.66 4.44
N ALA A 151 -17.30 0.31 3.16
CA ALA A 151 -18.44 0.29 2.25
C ALA A 151 -19.05 -1.09 2.24
N ALA A 152 -20.19 -1.25 1.56
CA ALA A 152 -20.98 -2.50 1.65
C ALA A 152 -21.21 -2.85 3.13
N ALA A 153 -21.63 -1.86 3.92
CA ALA A 153 -21.59 -1.98 5.39
C ALA A 153 -22.49 -3.08 5.97
N THR A 154 -23.56 -3.43 5.28
CA THR A 154 -24.48 -4.44 5.82
C THR A 154 -24.24 -5.82 5.20
N GLY A 155 -23.29 -5.88 4.26
CA GLY A 155 -22.83 -7.13 3.69
C GLY A 155 -21.97 -7.91 4.68
N ALA A 156 -21.61 -9.14 4.31
CA ALA A 156 -20.94 -10.05 5.24
C ALA A 156 -19.63 -9.51 5.78
N VAL A 157 -18.71 -9.16 4.88
CA VAL A 157 -17.43 -8.64 5.36
C VAL A 157 -17.56 -7.28 6.04
N GLY A 158 -18.28 -6.36 5.40
CA GLY A 158 -18.38 -5.00 5.93
C GLY A 158 -18.99 -4.92 7.31
N SER A 159 -20.05 -5.68 7.56
CA SER A 159 -20.69 -5.63 8.87
C SER A 159 -19.75 -6.17 9.94
N MSE A 160 -18.92 -7.15 9.59
CA MSE A 160 -17.95 -7.67 10.55
C MSE A 160 -16.85 -6.65 10.81
O MSE A 160 -16.40 -6.44 11.94
CB MSE A 160 -17.34 -9.00 10.06
CG MSE A 160 -18.34 -10.14 9.87
SE MSE A 160 -19.16 -10.67 11.60
CE MSE A 160 -20.89 -9.78 11.36
N VAL A 161 -16.37 -6.02 9.74
CA VAL A 161 -15.36 -5.00 9.90
C VAL A 161 -15.82 -3.87 10.83
N GLY A 162 -17.02 -3.37 10.59
CA GLY A 162 -17.54 -2.27 11.38
C GLY A 162 -17.68 -2.62 12.86
N GLN A 163 -18.15 -3.82 13.14
CA GLN A 163 -18.38 -4.23 14.53
C GLN A 163 -17.10 -4.55 15.28
N ILE A 164 -16.14 -5.17 14.59
CA ILE A 164 -14.84 -5.39 15.20
C ILE A 164 -14.19 -4.04 15.44
N GLY A 165 -14.31 -3.14 14.46
CA GLY A 165 -13.76 -1.81 14.63
C GLY A 165 -14.33 -1.11 15.86
N LYS A 166 -15.65 -1.19 16.02
CA LYS A 166 -16.31 -0.58 17.17
C LYS A 166 -15.76 -1.14 18.50
N LEU A 167 -15.61 -2.45 18.59
CA LEU A 167 -15.11 -3.00 19.84
C LEU A 167 -13.62 -2.73 20.06
N LYS A 168 -12.90 -2.32 19.02
CA LYS A 168 -11.50 -1.92 19.17
C LYS A 168 -11.31 -0.43 19.41
N GLY A 169 -12.40 0.31 19.56
CA GLY A 169 -12.34 1.70 19.96
C GLY A 169 -12.46 2.71 18.83
N CYS A 170 -12.86 2.25 17.66
CA CYS A 170 -13.02 3.15 16.51
C CYS A 170 -14.33 3.90 16.48
N ARG A 171 -14.30 5.08 15.90
CA ARG A 171 -15.50 5.69 15.36
C ARG A 171 -15.75 5.04 13.99
N VAL A 172 -16.95 4.50 13.80
CA VAL A 172 -17.22 3.69 12.62
C VAL A 172 -18.28 4.29 11.72
N ILE A 173 -17.86 4.59 10.50
CA ILE A 173 -18.71 5.18 9.49
C ILE A 173 -18.86 4.21 8.35
N GLY A 174 -20.10 3.79 8.12
CA GLY A 174 -20.40 2.87 7.05
C GLY A 174 -20.82 3.57 5.77
N ILE A 175 -20.70 2.86 4.66
CA ILE A 175 -21.24 3.29 3.39
C ILE A 175 -22.05 2.12 2.87
N ALA A 176 -23.27 2.40 2.40
CA ALA A 176 -24.14 1.34 1.90
C ALA A 176 -25.14 1.90 0.89
N GLY A 177 -25.79 1.00 0.15
CA GLY A 177 -26.75 1.40 -0.86
C GLY A 177 -28.18 1.45 -0.32
N GLY A 178 -28.73 2.65 -0.24
CA GLY A 178 -30.11 2.84 0.17
C GLY A 178 -30.26 3.12 1.64
N GLU A 179 -31.32 3.85 1.98
CA GLU A 179 -31.52 4.32 3.35
C GLU A 179 -31.82 3.20 4.34
N GLU A 180 -32.48 2.13 3.89
CA GLU A 180 -32.85 1.04 4.80
C GLU A 180 -31.61 0.34 5.34
N LYS A 181 -30.69 -0.01 4.44
CA LYS A 181 -29.43 -0.62 4.85
C LYS A 181 -28.64 0.35 5.73
N CYS A 182 -28.59 1.64 5.38
CA CYS A 182 -27.91 2.61 6.25
C CYS A 182 -28.53 2.66 7.65
N GLN A 183 -29.86 2.70 7.71
CA GLN A 183 -30.51 2.72 9.01
C GLN A 183 -30.26 1.42 9.80
N PHE A 184 -30.27 0.28 9.13
CA PHE A 184 -29.98 -0.98 9.80
C PHE A 184 -28.55 -1.03 10.36
N ALA A 185 -27.58 -0.52 9.61
CA ALA A 185 -26.19 -0.48 10.09
C ALA A 185 -26.06 0.34 11.38
N LYS A 186 -26.80 1.45 11.47
CA LYS A 186 -26.76 2.28 12.68
C LYS A 186 -27.55 1.68 13.84
N ASP A 187 -28.75 1.19 13.55
CA ASP A 187 -29.68 0.70 14.58
C ASP A 187 -29.28 -0.66 15.15
N THR A 188 -28.80 -1.54 14.28
CA THR A 188 -28.56 -2.92 14.68
C THR A 188 -27.09 -3.28 14.66
N LEU A 189 -26.34 -2.74 13.70
CA LEU A 189 -24.92 -3.08 13.60
C LEU A 189 -23.99 -2.16 14.42
N GLY A 190 -24.54 -1.11 15.02
CA GLY A 190 -23.76 -0.29 15.92
C GLY A 190 -22.80 0.69 15.26
N PHE A 191 -22.97 0.87 13.95
CA PHE A 191 -22.24 1.91 13.22
C PHE A 191 -22.60 3.29 13.74
N ASP A 192 -21.60 4.16 13.93
CA ASP A 192 -21.86 5.52 14.37
C ASP A 192 -22.63 6.33 13.32
N GLU A 193 -22.24 6.19 12.05
CA GLU A 193 -22.94 6.81 10.92
C GLU A 193 -22.97 5.81 9.77
N CYS A 194 -23.89 6.00 8.83
CA CYS A 194 -23.84 5.24 7.59
C CYS A 194 -24.41 6.07 6.46
N ILE A 195 -23.59 6.27 5.43
CA ILE A 195 -23.92 7.18 4.35
C ILE A 195 -24.37 6.43 3.12
N ASP A 196 -25.44 6.92 2.49
CA ASP A 196 -26.03 6.28 1.31
C ASP A 196 -25.24 6.63 0.04
N HIS A 197 -24.58 5.66 -0.60
CA HIS A 197 -23.72 6.02 -1.74
C HIS A 197 -24.56 6.33 -2.98
N LYS A 198 -25.85 6.04 -2.89
CA LYS A 198 -26.79 6.37 -3.97
C LYS A 198 -27.26 7.82 -3.88
N ALA A 199 -27.01 8.48 -2.76
CA ALA A 199 -27.40 9.88 -2.58
C ALA A 199 -26.69 10.78 -3.59
N ALA A 200 -27.42 11.76 -4.13
CA ALA A 200 -26.83 12.66 -5.12
C ALA A 200 -25.64 13.45 -4.55
N ASP A 201 -25.67 13.71 -3.24
CA ASP A 201 -24.57 14.43 -2.58
C ASP A 201 -23.78 13.49 -1.67
N PHE A 202 -23.71 12.23 -2.04
CA PHE A 202 -22.95 11.20 -1.33
C PHE A 202 -21.60 11.70 -0.80
N ALA A 203 -20.76 12.24 -1.70
CA ALA A 203 -19.41 12.65 -1.30
C ALA A 203 -19.42 13.76 -0.26
N GLU A 204 -20.33 14.73 -0.38
CA GLU A 204 -20.42 15.79 0.61
C GLU A 204 -20.91 15.26 1.96
N GLN A 205 -21.86 14.35 1.92
CA GLN A 205 -22.33 13.73 3.16
C GLN A 205 -21.21 13.01 3.90
N LEU A 206 -20.42 12.23 3.15
CA LEU A 206 -19.28 11.52 3.73
C LEU A 206 -18.27 12.47 4.36
N ALA A 207 -17.94 13.52 3.62
CA ALA A 207 -17.01 14.54 4.12
C ALA A 207 -17.52 15.15 5.40
N LYS A 208 -18.83 15.37 5.46
CA LYS A 208 -19.47 16.02 6.60
C LYS A 208 -19.32 15.17 7.87
N VAL A 209 -19.61 13.88 7.78
CA VAL A 209 -19.51 13.01 8.97
C VAL A 209 -18.06 12.60 9.30
N CYS A 210 -17.18 12.58 8.30
CA CYS A 210 -15.75 12.34 8.55
C CYS A 210 -15.02 13.66 8.82
N HIS A 211 -15.51 14.43 9.79
CA HIS A 211 -14.99 15.77 10.04
C HIS A 211 -13.54 15.76 10.58
N ASN A 212 -13.11 14.65 11.16
CA ASN A 212 -11.70 14.51 11.54
C ASN A 212 -10.92 13.59 10.61
N GLY A 213 -11.44 13.41 9.40
CA GLY A 213 -10.77 12.60 8.40
C GLY A 213 -10.97 11.09 8.60
N ILE A 214 -10.26 10.30 7.79
CA ILE A 214 -10.37 8.84 7.81
C ILE A 214 -9.01 8.23 8.10
N ASP A 215 -8.92 7.42 9.16
CA ASP A 215 -7.66 6.77 9.52
C ASP A 215 -7.52 5.37 8.96
N ILE A 216 -8.64 4.66 8.84
CA ILE A 216 -8.65 3.34 8.22
C ILE A 216 -9.77 3.28 7.21
N TYR A 217 -9.46 2.93 5.97
CA TYR A 217 -10.50 2.65 5.00
C TYR A 217 -10.38 1.20 4.59
N PHE A 218 -11.37 0.39 4.96
CA PHE A 218 -11.33 -1.03 4.63
C PHE A 218 -11.96 -1.17 3.26
N GLU A 219 -11.16 -1.50 2.24
CA GLU A 219 -11.62 -1.45 0.85
C GLU A 219 -12.20 -2.78 0.34
N ASN A 220 -13.52 -2.77 0.08
CA ASN A 220 -14.30 -3.88 -0.48
C ASN A 220 -14.83 -3.63 -1.89
N VAL A 221 -14.85 -2.37 -2.29
CA VAL A 221 -15.72 -1.95 -3.38
C VAL A 221 -15.00 -1.21 -4.50
N GLY A 222 -14.12 -0.28 -4.15
CA GLY A 222 -13.45 0.53 -5.17
C GLY A 222 -14.36 1.56 -5.85
N GLY A 223 -14.03 1.93 -7.09
CA GLY A 223 -14.87 2.78 -7.92
C GLY A 223 -15.20 4.13 -7.31
N LYS A 224 -16.44 4.58 -7.54
CA LYS A 224 -16.89 5.88 -7.06
C LYS A 224 -16.82 6.02 -5.54
N VAL A 225 -17.02 4.92 -4.81
CA VAL A 225 -16.91 4.99 -3.35
C VAL A 225 -15.48 5.36 -2.94
N PHE A 226 -14.49 4.70 -3.52
CA PHE A 226 -13.13 5.05 -3.15
C PHE A 226 -12.78 6.49 -3.59
N ASP A 227 -13.34 6.94 -4.71
CA ASP A 227 -13.13 8.31 -5.16
C ASP A 227 -13.61 9.33 -4.12
N ALA A 228 -14.71 9.01 -3.41
CA ALA A 228 -15.23 9.91 -2.38
C ALA A 228 -14.38 9.85 -1.12
N VAL A 229 -13.84 8.66 -0.85
CA VAL A 229 -13.00 8.42 0.31
C VAL A 229 -11.62 9.09 0.24
N MSE A 230 -10.98 8.95 -0.91
CA MSE A 230 -9.58 9.31 -1.05
C MSE A 230 -9.21 10.72 -0.52
O MSE A 230 -8.25 10.85 0.21
CB MSE A 230 -9.12 9.18 -2.50
CG MSE A 230 -7.62 9.14 -2.63
SE MSE A 230 -7.02 8.66 -4.44
CE MSE A 230 -7.52 10.27 -5.42
N PRO A 231 -9.99 11.75 -0.88
CA PRO A 231 -9.61 13.08 -0.37
C PRO A 231 -9.74 13.26 1.15
N LEU A 232 -10.42 12.33 1.81
CA LEU A 232 -10.66 12.45 3.25
C LEU A 232 -9.63 11.71 4.08
N LEU A 233 -8.74 10.96 3.43
CA LEU A 233 -7.78 10.18 4.16
C LEU A 233 -6.84 11.05 4.97
N ASN A 234 -6.57 10.62 6.19
CA ASN A 234 -5.60 11.26 7.06
C ASN A 234 -4.16 10.83 6.80
N THR A 235 -3.23 11.67 7.23
CA THR A 235 -1.83 11.26 7.30
C THR A 235 -1.73 10.01 8.12
N GLY A 236 -0.99 9.02 7.62
CA GLY A 236 -0.80 7.78 8.33
C GLY A 236 -1.98 6.83 8.25
N ALA A 237 -2.90 7.09 7.34
CA ALA A 237 -4.06 6.18 7.18
C ALA A 237 -3.62 4.82 6.66
N ARG A 238 -4.47 3.82 6.91
CA ARG A 238 -4.23 2.45 6.48
C ARG A 238 -5.40 1.94 5.63
N ILE A 239 -5.09 1.24 4.55
CA ILE A 239 -6.13 0.72 3.67
C ILE A 239 -5.92 -0.76 3.43
N PRO A 240 -6.54 -1.59 4.27
CA PRO A 240 -6.66 -3.01 3.96
C PRO A 240 -7.45 -3.14 2.68
N LEU A 241 -6.90 -3.86 1.71
CA LEU A 241 -7.51 -3.95 0.39
C LEU A 241 -7.98 -5.38 0.16
N CYS A 242 -9.29 -5.55 0.13
CA CYS A 242 -9.89 -6.86 0.23
C CYS A 242 -10.69 -7.25 -1.01
N GLY A 243 -11.28 -6.29 -1.68
CA GLY A 243 -12.06 -6.57 -2.88
C GLY A 243 -12.35 -5.30 -3.62
N LEU A 244 -12.82 -5.41 -4.86
CA LEU A 244 -13.12 -4.24 -5.68
C LEU A 244 -14.40 -4.50 -6.45
N ILE A 245 -15.44 -4.86 -5.71
CA ILE A 245 -16.69 -5.37 -6.31
C ILE A 245 -17.26 -4.44 -7.39
N SER A 246 -17.18 -3.12 -7.19
CA SER A 246 -17.79 -2.16 -8.12
C SER A 246 -17.24 -2.28 -9.55
N GLN A 247 -16.08 -2.89 -9.71
CA GLN A 247 -15.51 -3.00 -11.04
C GLN A 247 -15.53 -4.40 -11.63
N TYR A 248 -16.12 -5.37 -10.91
CA TYR A 248 -16.07 -6.76 -11.40
C TYR A 248 -16.91 -6.94 -12.66
N ASN A 249 -17.88 -6.06 -12.87
CA ASN A 249 -18.75 -6.11 -14.06
C ASN A 249 -18.27 -5.25 -15.21
N ALA A 250 -17.22 -4.47 -14.99
CA ALA A 250 -16.74 -3.54 -16.02
C ALA A 250 -16.23 -4.26 -17.25
N THR A 251 -16.53 -3.72 -18.42
CA THR A 251 -16.02 -4.28 -19.68
C THR A 251 -14.92 -3.38 -20.26
N SER A 252 -14.78 -2.18 -19.71
CA SER A 252 -13.68 -1.29 -20.09
C SER A 252 -13.32 -0.37 -18.90
N LEU A 253 -12.14 0.26 -18.97
CA LEU A 253 -11.71 1.24 -17.96
C LEU A 253 -12.40 2.58 -18.15
N PRO A 254 -12.54 3.37 -17.06
CA PRO A 254 -13.14 4.70 -17.21
C PRO A 254 -12.39 5.57 -18.20
N GLU A 255 -13.10 6.43 -18.92
CA GLU A 255 -12.47 7.37 -19.83
C GLU A 255 -11.76 8.45 -19.02
N GLY A 256 -11.28 9.48 -19.70
CA GLY A 256 -10.77 10.66 -19.01
C GLY A 256 -9.33 10.33 -18.72
N PRO A 257 -8.57 11.33 -18.29
CA PRO A 257 -7.13 11.11 -18.15
C PRO A 257 -6.82 10.09 -17.07
N ASP A 258 -5.58 9.59 -17.12
CA ASP A 258 -5.15 8.50 -16.25
C ASP A 258 -4.83 9.04 -14.86
N ARG A 259 -5.53 8.53 -13.85
CA ARG A 259 -5.34 9.01 -12.48
C ARG A 259 -4.48 8.09 -11.65
N MSE A 260 -3.91 7.06 -12.25
CA MSE A 260 -3.12 6.12 -11.48
C MSE A 260 -2.04 6.82 -10.67
O MSE A 260 -1.85 6.54 -9.48
CB MSE A 260 -2.50 5.04 -12.37
CG MSE A 260 -1.86 3.94 -11.57
SE MSE A 260 -1.00 2.59 -12.74
CE MSE A 260 0.70 3.41 -12.86
N SER A 261 -1.35 7.78 -11.29
CA SER A 261 -0.29 8.53 -10.58
C SER A 261 -0.82 9.40 -9.45
N MSE A 262 -2.09 9.79 -9.51
CA MSE A 262 -2.69 10.55 -8.42
C MSE A 262 -2.88 9.74 -7.17
O MSE A 262 -2.74 10.27 -6.06
CB MSE A 262 -4.05 11.09 -8.82
CG MSE A 262 -4.02 12.32 -9.64
SE MSE A 262 -5.91 12.63 -9.87
CE MSE A 262 -6.33 13.23 -8.07
N LEU A 263 -3.25 8.48 -7.34
CA LEU A 263 -3.32 7.56 -6.21
C LEU A 263 -1.95 7.42 -5.57
N MSE A 264 -0.94 7.16 -6.39
CA MSE A 264 0.40 7.03 -5.84
C MSE A 264 0.87 8.30 -5.15
O MSE A 264 1.49 8.23 -4.09
CB MSE A 264 1.36 6.61 -6.98
CG MSE A 264 0.94 5.27 -7.54
SE MSE A 264 2.14 4.56 -8.90
CE MSE A 264 3.76 4.37 -7.81
N ALA A 265 0.55 9.47 -5.74
CA ALA A 265 0.92 10.75 -5.12
C ALA A 265 0.27 10.87 -3.75
N GLN A 266 -1.01 10.49 -3.65
CA GLN A 266 -1.73 10.57 -2.39
C GLN A 266 -1.17 9.62 -1.35
N LEU A 267 -0.83 8.40 -1.75
CA LEU A 267 -0.25 7.47 -0.78
C LEU A 267 1.04 8.05 -0.24
N LEU A 268 1.79 8.76 -1.08
CA LEU A 268 3.07 9.30 -0.62
C LEU A 268 2.85 10.51 0.31
N ILE A 269 2.13 11.52 -0.16
CA ILE A 269 2.04 12.75 0.61
C ILE A 269 1.25 12.56 1.91
N LYS A 270 0.44 11.51 1.99
CA LYS A 270 -0.28 11.23 3.22
C LYS A 270 0.33 10.06 3.99
N ARG A 271 1.43 9.52 3.48
CA ARG A 271 2.13 8.40 4.12
C ARG A 271 1.18 7.25 4.46
N ILE A 272 0.45 6.81 3.44
CA ILE A 272 -0.56 5.79 3.58
C ILE A 272 -0.03 4.38 3.25
N LYS A 273 -0.46 3.38 4.00
CA LYS A 273 -0.21 1.98 3.67
C LYS A 273 -1.44 1.40 2.98
N MSE A 274 -1.31 1.04 1.70
CA MSE A 274 -2.36 0.28 1.03
C MSE A 274 -1.83 -1.13 0.78
O MSE A 274 -0.77 -1.28 0.16
CB MSE A 274 -2.77 0.98 -0.26
CG MSE A 274 -3.76 0.18 -1.11
SE MSE A 274 -4.34 1.15 -2.73
CE MSE A 274 -5.62 2.45 -2.02
N GLN A 275 -2.57 -2.14 1.25
CA GLN A 275 -2.07 -3.52 1.21
C GLN A 275 -3.15 -4.53 0.85
N GLY A 276 -2.99 -5.21 -0.28
CA GLY A 276 -3.92 -6.25 -0.67
C GLY A 276 -3.69 -7.52 0.13
N PHE A 277 -4.75 -8.30 0.30
CA PHE A 277 -4.57 -9.60 0.93
C PHE A 277 -5.67 -10.51 0.41
N ILE A 278 -5.36 -11.80 0.36
CA ILE A 278 -6.32 -12.80 -0.09
C ILE A 278 -6.47 -13.79 1.06
N ILE A 279 -7.69 -13.98 1.51
CA ILE A 279 -7.94 -14.66 2.77
C ILE A 279 -7.79 -16.19 2.63
N PHE A 280 -7.69 -16.67 1.39
CA PHE A 280 -7.50 -18.10 1.14
C PHE A 280 -6.03 -18.50 1.19
N ASP A 281 -5.14 -17.53 1.43
CA ASP A 281 -3.72 -17.84 1.59
C ASP A 281 -3.48 -18.59 2.90
N ASP A 282 -2.23 -18.93 3.18
CA ASP A 282 -1.92 -19.75 4.36
C ASP A 282 -1.84 -18.93 5.64
N TYR A 283 -2.98 -18.76 6.29
CA TYR A 283 -3.07 -18.11 7.60
C TYR A 283 -3.49 -19.12 8.66
N GLY A 284 -3.06 -20.37 8.53
CA GLY A 284 -3.52 -21.43 9.41
C GLY A 284 -3.25 -21.15 10.87
N HIS A 285 -2.11 -20.55 11.13
CA HIS A 285 -1.69 -20.15 12.48
C HIS A 285 -2.62 -19.11 13.11
N ARG A 286 -3.54 -18.55 12.32
CA ARG A 286 -4.38 -17.47 12.81
C ARG A 286 -5.84 -17.85 13.04
N TYR A 287 -6.26 -18.99 12.47
CA TYR A 287 -7.65 -19.43 12.58
C TYR A 287 -8.09 -19.55 14.02
N GLY A 288 -7.23 -20.15 14.85
CA GLY A 288 -7.55 -20.42 16.23
C GLY A 288 -7.79 -19.17 17.05
N GLU A 289 -6.89 -18.20 16.92
CA GLU A 289 -7.05 -16.93 17.61
C GLU A 289 -8.31 -16.21 17.15
N PHE A 290 -8.55 -16.21 15.84
CA PHE A 290 -9.78 -15.65 15.30
C PHE A 290 -11.01 -16.32 15.90
N ALA A 291 -11.04 -17.64 15.84
CA ALA A 291 -12.17 -18.42 16.34
C ALA A 291 -12.43 -18.13 17.81
N ALA A 292 -11.37 -18.00 18.59
CA ALA A 292 -11.49 -17.73 20.02
C ALA A 292 -12.05 -16.33 20.30
N ASP A 293 -11.49 -15.33 19.63
CA ASP A 293 -11.97 -13.95 19.77
C ASP A 293 -13.42 -13.83 19.35
N MSE A 294 -13.76 -14.40 18.19
CA MSE A 294 -15.10 -14.18 17.63
C MSE A 294 -16.15 -14.89 18.47
O MSE A 294 -17.24 -14.36 18.68
CB MSE A 294 -15.19 -14.65 16.19
CG MSE A 294 -16.54 -14.35 15.53
SE MSE A 294 -16.84 -12.39 15.44
CE MSE A 294 -15.03 -11.92 14.83
N THR A 295 -15.83 -16.08 18.93
CA THR A 295 -16.71 -16.80 19.85
C THR A 295 -17.01 -15.95 21.08
N GLN A 296 -15.97 -15.34 21.65
CA GLN A 296 -16.13 -14.47 22.80
C GLN A 296 -16.95 -13.21 22.46
N TRP A 297 -16.60 -12.54 21.37
CA TRP A 297 -17.30 -11.32 21.00
C TRP A 297 -18.78 -11.54 20.70
N LEU A 298 -19.12 -12.64 20.04
CA LEU A 298 -20.53 -13.01 19.83
C LEU A 298 -21.26 -13.17 21.15
N ALA A 299 -20.63 -13.93 22.05
CA ALA A 299 -21.20 -14.22 23.37
C ALA A 299 -21.37 -12.95 24.19
N GLN A 300 -20.45 -12.01 24.03
CA GLN A 300 -20.52 -10.75 24.76
C GLN A 300 -21.55 -9.79 24.17
N GLY A 301 -22.17 -10.17 23.06
CA GLY A 301 -23.18 -9.35 22.43
C GLY A 301 -22.59 -8.21 21.60
N LYS A 302 -21.32 -8.32 21.25
CA LYS A 302 -20.65 -7.23 20.53
C LYS A 302 -20.68 -7.44 19.02
N ILE A 303 -21.19 -8.58 18.61
CA ILE A 303 -21.26 -8.90 17.20
C ILE A 303 -22.67 -9.36 16.83
N HIS A 304 -23.29 -8.65 15.90
CA HIS A 304 -24.58 -9.06 15.36
C HIS A 304 -24.36 -9.62 13.97
N TYR A 305 -24.69 -10.89 13.77
CA TYR A 305 -24.52 -11.55 12.48
C TYR A 305 -25.85 -11.80 11.79
N ARG A 306 -26.02 -11.22 10.61
CA ARG A 306 -27.24 -11.44 9.85
C ARG A 306 -26.99 -12.42 8.70
N GLU A 307 -27.83 -13.44 8.64
CA GLU A 307 -27.78 -14.44 7.57
C GLU A 307 -28.97 -14.28 6.63
N HIS A 308 -28.72 -14.48 5.34
CA HIS A 308 -29.77 -14.44 4.32
C HIS A 308 -29.83 -15.81 3.66
N LEU A 309 -30.83 -16.61 4.01
CA LEU A 309 -30.89 -18.00 3.58
C LEU A 309 -31.89 -18.22 2.45
N VAL A 310 -31.40 -18.80 1.35
CA VAL A 310 -32.23 -19.13 0.20
C VAL A 310 -32.28 -20.65 0.06
N GLN A 311 -33.48 -21.19 -0.17
CA GLN A 311 -33.67 -22.63 -0.29
C GLN A 311 -33.47 -23.11 -1.72
N GLY A 312 -32.68 -24.15 -1.90
CA GLY A 312 -32.58 -24.82 -3.19
C GLY A 312 -31.34 -24.52 -4.01
N LEU A 313 -30.57 -25.56 -4.32
CA LEU A 313 -29.40 -25.42 -5.18
C LEU A 313 -29.74 -24.81 -6.53
N GLU A 314 -30.92 -25.15 -7.07
CA GLU A 314 -31.30 -24.67 -8.39
C GLU A 314 -31.57 -23.17 -8.39
N ASN A 315 -31.73 -22.60 -7.20
CA ASN A 315 -31.93 -21.16 -7.07
C ASN A 315 -30.63 -20.41 -6.83
N ALA A 316 -29.51 -21.12 -6.73
CA ALA A 316 -28.22 -20.45 -6.51
C ALA A 316 -27.89 -19.38 -7.57
N PRO A 317 -28.07 -19.69 -8.88
CA PRO A 317 -27.78 -18.65 -9.88
C PRO A 317 -28.57 -17.35 -9.68
N ASP A 318 -29.89 -17.44 -9.51
CA ASP A 318 -30.70 -16.24 -9.32
C ASP A 318 -30.37 -15.54 -8.00
N ALA A 319 -30.17 -16.32 -6.95
CA ALA A 319 -29.75 -15.80 -5.65
C ALA A 319 -28.43 -15.03 -5.78
N PHE A 320 -27.48 -15.64 -6.50
CA PHE A 320 -26.18 -15.01 -6.74
C PHE A 320 -26.31 -13.72 -7.55
N ILE A 321 -27.16 -13.75 -8.57
CA ILE A 321 -27.44 -12.55 -9.34
C ILE A 321 -28.11 -11.51 -8.43
N GLY A 322 -29.01 -11.96 -7.56
CA GLY A 322 -29.66 -11.08 -6.60
C GLY A 322 -28.68 -10.44 -5.63
N LEU A 323 -27.70 -11.22 -5.20
CA LEU A 323 -26.62 -10.75 -4.33
C LEU A 323 -25.86 -9.59 -4.97
N LEU A 324 -25.52 -9.74 -6.25
CA LEU A 324 -24.72 -8.73 -6.93
C LEU A 324 -25.54 -7.47 -7.18
N GLU A 325 -26.86 -7.63 -7.24
CA GLU A 325 -27.77 -6.48 -7.39
C GLU A 325 -28.06 -5.79 -6.05
N GLY A 326 -27.56 -6.35 -4.95
CA GLY A 326 -27.75 -5.77 -3.64
C GLY A 326 -29.13 -6.07 -3.06
N LYS A 327 -29.75 -7.14 -3.55
CA LYS A 327 -31.05 -7.53 -3.02
C LYS A 327 -30.89 -8.51 -1.87
N ASN A 328 -29.65 -8.64 -1.39
CA ASN A 328 -29.34 -9.42 -0.21
C ASN A 328 -29.40 -8.54 1.03
N PHE A 329 -29.73 -9.14 2.16
CA PHE A 329 -29.53 -8.43 3.42
C PHE A 329 -28.70 -9.33 4.33
N GLY A 330 -27.42 -8.99 4.47
CA GLY A 330 -26.54 -9.84 5.25
C GLY A 330 -25.82 -10.85 4.38
N LYS A 331 -25.25 -11.86 5.02
CA LYS A 331 -24.47 -12.90 4.34
C LYS A 331 -25.38 -13.90 3.63
N MSE A 332 -25.18 -14.08 2.33
CA MSE A 332 -26.01 -14.98 1.54
C MSE A 332 -25.56 -16.43 1.59
O MSE A 332 -24.38 -16.73 1.35
CB MSE A 332 -26.06 -14.52 0.08
CG MSE A 332 -26.86 -15.46 -0.80
SE MSE A 332 -28.72 -14.89 -0.88
CE MSE A 332 -28.46 -13.39 -2.07
N VAL A 333 -26.49 -17.33 1.89
CA VAL A 333 -26.24 -18.77 1.96
C VAL A 333 -27.39 -19.52 1.27
N VAL A 334 -27.06 -20.57 0.54
CA VAL A 334 -28.08 -21.39 -0.11
C VAL A 334 -28.12 -22.74 0.59
N GLN A 335 -29.29 -23.16 1.05
CA GLN A 335 -29.38 -24.52 1.58
C GLN A 335 -29.61 -25.44 0.39
N THR A 336 -28.66 -26.32 0.15
CA THR A 336 -28.70 -27.18 -1.03
C THR A 336 -29.47 -28.46 -0.77
N ASN A 337 -29.42 -28.93 0.48
CA ASN A 337 -30.04 -30.20 0.85
C ASN A 337 -30.57 -30.20 2.28
N GLN A 338 -31.49 -31.11 2.56
CA GLN A 338 -31.86 -31.42 3.93
C GLN A 338 -30.73 -32.22 4.55
N PRO A 339 -30.37 -31.89 5.79
CA PRO A 339 -29.28 -32.63 6.43
C PRO A 339 -29.68 -34.07 6.75
N ARG A 340 -28.68 -34.94 6.91
CA ARG A 340 -28.93 -36.32 7.30
C ARG A 340 -28.89 -36.43 8.83
N THR B 2 27.18 40.08 5.18
CA THR B 2 25.79 39.99 4.74
C THR B 2 25.33 38.54 4.60
N ASN B 3 24.05 38.29 4.88
CA ASN B 3 23.42 37.00 4.63
C ASN B 3 22.87 36.91 3.22
N ARG B 4 23.57 36.23 2.33
CA ARG B 4 23.04 36.00 0.99
C ARG B 4 21.94 34.95 1.05
N GLN B 5 20.98 35.04 0.14
CA GLN B 5 19.87 34.10 0.08
C GLN B 5 19.51 33.77 -1.37
N ILE B 6 19.28 32.50 -1.64
CA ILE B 6 18.66 32.10 -2.89
C ILE B 6 17.17 31.94 -2.62
N VAL B 7 16.36 32.76 -3.28
CA VAL B 7 14.92 32.74 -3.06
C VAL B 7 14.19 32.22 -4.30
N LEU B 8 12.97 31.74 -4.08
CA LEU B 8 12.13 31.30 -5.20
C LEU B 8 11.55 32.54 -5.89
N ALA B 9 12.04 32.83 -7.09
CA ALA B 9 11.60 34.03 -7.81
C ALA B 9 10.26 33.76 -8.48
N SER B 10 10.15 32.61 -9.14
CA SER B 10 8.89 32.19 -9.76
C SER B 10 8.82 30.67 -9.76
N ARG B 11 7.60 30.12 -9.79
CA ARG B 11 7.45 28.66 -9.85
C ARG B 11 7.79 28.16 -11.25
N PRO B 12 8.60 27.09 -11.32
CA PRO B 12 8.97 26.49 -12.60
C PRO B 12 7.78 25.98 -13.39
N VAL B 13 7.88 26.06 -14.71
CA VAL B 13 6.93 25.43 -15.60
C VAL B 13 7.67 24.37 -16.39
N GLY B 14 7.37 23.11 -16.11
CA GLY B 14 8.18 22.02 -16.60
C GLY B 14 9.50 22.06 -15.84
N ALA B 15 10.60 21.81 -16.54
CA ALA B 15 11.92 21.84 -15.94
C ALA B 15 12.29 23.24 -15.46
N PRO B 16 12.89 23.31 -14.26
CA PRO B 16 13.34 24.60 -13.70
C PRO B 16 14.40 25.24 -14.56
N THR B 17 14.42 26.57 -14.58
CA THR B 17 15.47 27.33 -15.25
C THR B 17 16.11 28.25 -14.23
N ALA B 18 17.18 28.92 -14.63
CA ALA B 18 17.87 29.87 -13.76
C ALA B 18 16.96 31.01 -13.32
N ASP B 19 16.02 31.39 -14.18
CA ASP B 19 15.12 32.53 -13.91
C ASP B 19 14.19 32.26 -12.73
N ASN B 20 14.02 30.99 -12.38
CA ASN B 20 13.15 30.61 -11.28
C ASN B 20 13.80 30.91 -9.94
N PHE B 21 15.08 31.27 -9.98
CA PHE B 21 15.87 31.51 -8.79
C PHE B 21 16.44 32.92 -8.86
N ALA B 22 16.48 33.59 -7.70
CA ALA B 22 17.11 34.90 -7.61
C ALA B 22 18.05 34.94 -6.40
N LEU B 23 19.19 35.62 -6.55
CA LEU B 23 20.11 35.81 -5.44
C LEU B 23 19.85 37.16 -4.76
N THR B 24 19.65 37.14 -3.44
CA THR B 24 19.37 38.36 -2.70
C THR B 24 20.23 38.44 -1.44
N GLN B 25 20.24 39.62 -0.81
CA GLN B 25 21.01 39.80 0.42
C GLN B 25 20.14 40.32 1.56
N SER B 26 20.57 40.05 2.78
CA SER B 26 19.86 40.52 3.97
C SER B 26 20.84 40.67 5.12
N ASP B 27 20.55 41.58 6.04
CA ASP B 27 21.41 41.77 7.20
C ASP B 27 21.44 40.48 8.01
N ILE B 28 22.64 40.13 8.49
CA ILE B 28 22.81 38.93 9.30
C ILE B 28 21.96 39.04 10.56
N PRO B 29 21.02 38.10 10.75
CA PRO B 29 20.09 38.12 11.88
C PRO B 29 20.82 38.03 13.22
N THR B 30 20.16 38.49 14.28
CA THR B 30 20.78 38.52 15.59
C THR B 30 20.08 37.55 16.54
N PRO B 31 20.85 36.62 17.11
CA PRO B 31 20.31 35.62 18.04
C PRO B 31 19.79 36.29 19.31
N ALA B 32 18.52 36.06 19.63
CA ALA B 32 17.87 36.77 20.72
C ALA B 32 17.62 35.88 21.95
N GLN B 33 18.69 35.60 22.69
CA GLN B 33 18.63 34.95 24.01
C GLN B 33 17.93 33.59 24.00
N GLY B 34 18.71 32.51 24.05
CA GLY B 34 18.18 31.17 23.93
C GLY B 34 18.21 30.72 22.48
N GLU B 35 18.72 31.60 21.61
CA GLU B 35 18.85 31.31 20.19
C GLU B 35 20.32 31.29 19.79
N MSE B 36 20.58 31.00 18.52
CA MSE B 36 21.95 30.98 18.02
C MSE B 36 22.03 31.33 16.54
O MSE B 36 21.04 31.24 15.82
CB MSE B 36 22.58 29.61 18.26
CG MSE B 36 22.11 28.54 17.29
SE MSE B 36 22.43 26.76 18.01
CE MSE B 36 20.88 26.64 19.19
N LEU B 37 23.21 31.75 16.11
CA LEU B 37 23.42 32.10 14.71
C LEU B 37 24.23 31.03 13.99
N LEU B 38 23.58 30.36 13.04
CA LEU B 38 24.25 29.32 12.26
C LEU B 38 24.81 29.87 10.96
N ARG B 39 26.03 29.49 10.64
CA ARG B 39 26.67 29.88 9.38
C ARG B 39 26.93 28.64 8.55
N SER B 40 26.33 28.60 7.36
CA SER B 40 26.37 27.40 6.55
C SER B 40 27.73 27.16 5.93
N VAL B 41 28.09 25.89 5.80
CA VAL B 41 29.28 25.50 5.07
C VAL B 41 28.88 24.66 3.87
N TYR B 42 27.93 23.75 4.10
CA TYR B 42 27.43 22.86 3.06
C TYR B 42 25.91 22.89 2.92
N LEU B 43 25.44 22.82 1.68
CA LEU B 43 24.00 22.78 1.39
C LEU B 43 23.67 21.55 0.57
N SER B 44 22.68 20.78 0.99
CA SER B 44 22.28 19.62 0.22
C SER B 44 21.36 20.01 -0.94
N LEU B 45 21.60 19.44 -2.12
CA LEU B 45 20.65 19.57 -3.22
C LEU B 45 20.05 18.20 -3.52
N ASP B 46 18.71 18.13 -3.52
CA ASP B 46 18.01 16.85 -3.64
C ASP B 46 16.79 16.96 -4.56
N PRO B 47 16.48 15.88 -5.29
CA PRO B 47 15.37 15.90 -6.25
C PRO B 47 14.03 16.35 -5.65
N TYR B 48 13.77 16.05 -4.38
CA TYR B 48 12.48 16.39 -3.78
C TYR B 48 12.23 17.90 -3.75
N MSE B 49 13.30 18.70 -3.87
CA MSE B 49 13.13 20.14 -3.88
C MSE B 49 12.35 20.64 -5.09
O MSE B 49 11.77 21.73 -5.06
CB MSE B 49 14.49 20.85 -3.82
CG MSE B 49 15.18 20.64 -2.51
SE MSE B 49 17.08 21.15 -2.53
CE MSE B 49 17.43 20.56 -0.72
N ARG B 50 12.36 19.84 -6.17
CA ARG B 50 11.57 20.17 -7.35
C ARG B 50 10.09 20.30 -6.97
N GLY B 51 9.62 19.38 -6.13
CA GLY B 51 8.25 19.42 -5.66
C GLY B 51 7.96 20.60 -4.75
N ARG B 52 8.95 20.97 -3.95
CA ARG B 52 8.77 22.05 -2.99
C ARG B 52 8.62 23.39 -3.71
N MSE B 53 9.08 23.44 -4.96
CA MSE B 53 8.97 24.65 -5.77
C MSE B 53 7.61 24.77 -6.44
O MSE B 53 7.22 25.84 -6.88
CB MSE B 53 10.05 24.68 -6.84
CG MSE B 53 11.47 24.69 -6.34
SE MSE B 53 12.65 24.58 -7.86
CE MSE B 53 12.60 26.47 -8.42
N SER B 54 6.90 23.66 -6.55
CA SER B 54 5.65 23.64 -7.28
C SER B 54 4.49 23.99 -6.36
N ASP B 55 3.37 24.36 -6.97
CA ASP B 55 2.15 24.77 -6.28
C ASP B 55 1.37 23.59 -5.72
N ALA B 56 1.74 22.39 -6.15
CA ALA B 56 1.06 21.14 -5.80
C ALA B 56 0.83 20.95 -4.31
N LYS B 57 -0.28 20.31 -3.98
CA LYS B 57 -0.59 19.93 -2.62
C LYS B 57 0.40 18.84 -2.25
N SER B 58 0.98 18.91 -1.07
CA SER B 58 2.03 17.98 -0.71
C SER B 58 2.09 17.82 0.80
N TYR B 59 3.18 17.27 1.31
CA TYR B 59 3.31 17.06 2.75
C TYR B 59 3.70 18.37 3.43
N ALA B 60 4.14 19.34 2.64
CA ALA B 60 4.59 20.61 3.18
C ALA B 60 4.09 21.76 2.32
N GLU B 61 3.94 22.93 2.95
CA GLU B 61 3.57 24.14 2.23
C GLU B 61 4.60 24.39 1.15
N PRO B 62 4.13 24.73 -0.06
CA PRO B 62 5.05 25.09 -1.14
C PRO B 62 5.94 26.25 -0.71
N VAL B 63 7.17 26.31 -1.22
CA VAL B 63 8.03 27.44 -0.94
C VAL B 63 7.38 28.71 -1.49
N GLY B 64 7.21 29.70 -0.63
CA GLY B 64 6.59 30.96 -1.03
C GLY B 64 7.42 31.74 -2.04
N ILE B 65 6.76 32.55 -2.85
CA ILE B 65 7.45 33.43 -3.79
C ILE B 65 8.29 34.43 -2.98
N ASP B 66 9.52 34.65 -3.43
CA ASP B 66 10.49 35.51 -2.73
C ASP B 66 10.85 35.00 -1.32
N GLU B 67 10.54 33.75 -1.03
CA GLU B 67 11.01 33.12 0.20
C GLU B 67 12.26 32.28 -0.09
N VAL B 68 13.07 32.06 0.94
CA VAL B 68 14.32 31.32 0.81
C VAL B 68 14.06 29.84 0.49
N MSE B 69 14.74 29.32 -0.53
CA MSE B 69 14.67 27.90 -0.88
C MSE B 69 15.02 27.04 0.34
O MSE B 69 15.86 27.42 1.16
CB MSE B 69 15.62 27.59 -2.03
CG MSE B 69 15.02 27.78 -3.42
SE MSE B 69 13.45 26.65 -3.74
CE MSE B 69 14.24 24.90 -3.41
N VAL B 70 14.37 25.88 0.45
CA VAL B 70 14.52 25.01 1.62
C VAL B 70 15.57 23.92 1.39
N GLY B 71 16.05 23.34 2.47
CA GLY B 71 17.00 22.24 2.35
C GLY B 71 17.84 21.95 3.56
N GLY B 72 18.38 20.74 3.62
CA GLY B 72 19.24 20.32 4.69
C GLY B 72 20.60 20.99 4.56
N THR B 73 21.19 21.36 5.69
CA THR B 73 22.47 22.06 5.68
C THR B 73 23.41 21.58 6.76
N VAL B 74 24.71 21.68 6.48
CA VAL B 74 25.72 21.52 7.51
C VAL B 74 26.33 22.89 7.81
N CYS B 75 26.13 23.35 9.04
CA CYS B 75 26.57 24.67 9.47
C CYS B 75 27.49 24.55 10.68
N GLN B 76 28.17 25.63 11.03
CA GLN B 76 28.80 25.73 12.34
C GLN B 76 28.21 26.92 13.08
N VAL B 77 28.26 26.89 14.40
CA VAL B 77 27.67 27.95 15.21
C VAL B 77 28.57 29.19 15.23
N GLU B 78 28.16 30.21 14.48
CA GLU B 78 28.86 31.49 14.42
C GLU B 78 28.83 32.20 15.76
N ALA B 79 27.67 32.15 16.42
CA ALA B 79 27.49 32.80 17.71
C ALA B 79 26.30 32.20 18.43
N SER B 80 26.47 31.91 19.72
CA SER B 80 25.45 31.20 20.48
C SER B 80 25.14 31.85 21.82
N ASN B 81 23.85 32.06 22.09
CA ASN B 81 23.39 32.45 23.41
C ASN B 81 22.36 31.45 23.92
N HIS B 82 22.48 30.19 23.49
CA HIS B 82 21.44 29.20 23.75
C HIS B 82 21.33 28.76 25.23
N ALA B 83 22.39 28.26 25.87
CA ALA B 83 23.71 28.02 25.31
C ALA B 83 24.15 26.58 25.59
N GLU B 84 23.38 25.62 25.10
CA GLU B 84 23.77 24.23 25.14
C GLU B 84 24.65 23.95 23.93
N PHE B 85 24.80 24.98 23.09
CA PHE B 85 25.64 24.91 21.90
C PHE B 85 26.79 25.90 22.05
N GLU B 86 28.02 25.43 21.87
CA GLU B 86 29.18 26.31 21.91
C GLU B 86 29.52 26.78 20.51
N VAL B 87 30.17 27.93 20.42
CA VAL B 87 30.58 28.47 19.12
C VAL B 87 31.61 27.57 18.47
N GLY B 88 31.53 27.43 17.15
CA GLY B 88 32.45 26.58 16.41
C GLY B 88 31.95 25.15 16.26
N GLU B 89 30.88 24.82 17.00
CA GLU B 89 30.25 23.51 16.91
C GLU B 89 29.60 23.30 15.55
N TRP B 90 29.89 22.17 14.92
CA TRP B 90 29.26 21.82 13.66
C TRP B 90 27.89 21.21 13.93
N VAL B 91 26.93 21.51 13.05
CA VAL B 91 25.56 21.02 13.22
C VAL B 91 24.90 20.62 11.90
N LEU B 92 24.04 19.61 11.98
CA LEU B 92 23.13 19.29 10.90
C LEU B 92 21.83 20.05 11.11
N ALA B 93 21.48 20.92 10.17
CA ALA B 93 20.24 21.68 10.30
C ALA B 93 19.44 21.69 9.00
N TYR B 94 18.33 22.42 9.02
CA TYR B 94 17.48 22.56 7.85
C TYR B 94 17.22 24.05 7.59
N THR B 95 18.28 24.77 7.22
CA THR B 95 18.22 26.23 7.13
C THR B 95 18.19 26.76 5.69
N GLY B 96 18.21 25.87 4.71
CA GLY B 96 18.03 26.28 3.33
C GLY B 96 19.22 26.92 2.62
N TRP B 97 18.93 27.55 1.49
CA TRP B 97 19.97 28.06 0.59
C TRP B 97 20.43 29.47 0.97
N GLN B 98 20.96 29.62 2.19
CA GLN B 98 21.45 30.93 2.64
C GLN B 98 22.72 30.80 3.46
N ASP B 99 23.40 31.92 3.69
CA ASP B 99 24.61 31.94 4.52
C ASP B 99 24.30 31.78 6.02
N TYR B 100 23.27 32.48 6.50
CA TYR B 100 23.01 32.57 7.94
C TYR B 100 21.56 32.31 8.28
N ALA B 101 21.30 31.85 9.50
CA ALA B 101 19.93 31.67 9.98
C ALA B 101 19.90 31.47 11.49
N LEU B 102 18.79 31.85 12.12
CA LEU B 102 18.62 31.68 13.55
C LEU B 102 18.03 30.32 13.88
N SER B 103 18.29 29.84 15.09
CA SER B 103 17.85 28.52 15.51
C SER B 103 17.63 28.42 17.02
N ASP B 104 16.51 27.84 17.42
CA ASP B 104 16.22 27.63 18.83
C ASP B 104 16.57 26.22 19.27
N GLY B 105 17.47 25.58 18.54
CA GLY B 105 17.88 24.22 18.84
C GLY B 105 16.86 23.16 18.43
N GLU B 106 17.20 22.37 17.41
CA GLU B 106 16.33 21.31 16.90
C GLU B 106 17.15 20.36 16.03
N GLY B 107 18.36 20.78 15.69
CA GLY B 107 19.28 19.99 14.89
C GLY B 107 20.00 18.95 15.73
N LEU B 108 21.15 18.50 15.24
CA LEU B 108 21.98 17.60 16.02
C LEU B 108 23.47 17.86 15.82
N ILE B 109 24.22 17.88 16.93
CA ILE B 109 25.64 18.16 16.92
C ILE B 109 26.39 17.03 16.23
N LYS B 110 27.22 17.40 15.25
CA LYS B 110 27.80 16.42 14.34
C LYS B 110 29.05 16.96 13.66
N LEU B 111 30.22 16.53 14.13
CA LEU B 111 30.34 15.56 15.23
C LEU B 111 31.06 16.21 16.40
N GLY B 112 30.91 17.52 16.51
CA GLY B 112 31.64 18.31 17.50
C GLY B 112 32.40 19.43 16.82
N LYS B 113 33.53 19.82 17.42
CA LYS B 113 34.28 20.97 16.93
C LYS B 113 35.19 20.60 15.76
N GLN B 114 35.60 19.33 15.71
CA GLN B 114 36.51 18.87 14.66
C GLN B 114 36.11 17.50 14.13
N PRO B 115 35.00 17.44 13.38
CA PRO B 115 34.48 16.18 12.83
C PRO B 115 35.16 15.76 11.53
N SER B 116 35.09 14.47 11.22
CA SER B 116 35.64 13.97 9.95
C SER B 116 34.54 13.85 8.91
N HIS B 117 34.80 14.35 7.71
CA HIS B 117 33.81 14.39 6.63
C HIS B 117 32.44 14.92 7.09
N PRO B 118 32.39 16.20 7.52
CA PRO B 118 31.12 16.72 8.06
C PRO B 118 30.02 16.79 7.01
N SER B 119 30.39 16.95 5.75
CA SER B 119 29.44 17.00 4.64
C SER B 119 28.71 15.65 4.45
N TYR B 120 29.28 14.59 5.01
CA TYR B 120 28.68 13.25 4.96
C TYR B 120 27.34 13.16 5.71
N ALA B 121 27.12 14.10 6.62
CA ALA B 121 25.88 14.16 7.40
C ALA B 121 24.68 14.58 6.54
N LEU B 122 24.96 14.90 5.28
CA LEU B 122 23.95 15.20 4.28
C LEU B 122 23.80 14.04 3.32
N GLY B 123 24.63 13.01 3.47
CA GLY B 123 24.64 11.92 2.52
C GLY B 123 24.48 10.55 3.17
N VAL B 124 25.56 9.77 3.16
CA VAL B 124 25.53 8.42 3.67
C VAL B 124 25.07 8.38 5.12
N MSE B 125 25.40 9.42 5.87
CA MSE B 125 25.10 9.44 7.30
C MSE B 125 23.91 10.33 7.58
O MSE B 125 23.55 10.53 8.73
CB MSE B 125 26.32 9.89 8.09
CG MSE B 125 27.43 8.84 8.20
SE MSE B 125 26.92 7.21 9.17
CE MSE B 125 26.58 7.93 10.95
N GLY B 126 23.28 10.84 6.52
CA GLY B 126 22.16 11.75 6.67
C GLY B 126 20.90 11.30 5.96
N MSE B 127 20.13 12.28 5.48
CA MSE B 127 18.79 12.02 4.94
C MSE B 127 18.74 10.94 3.86
O MSE B 127 17.89 10.05 3.95
CB MSE B 127 18.18 13.33 4.40
CG MSE B 127 16.76 13.17 3.84
SE MSE B 127 16.74 12.66 1.96
CE MSE B 127 17.50 14.33 1.22
N PRO B 128 19.63 10.98 2.83
CA PRO B 128 19.50 9.92 1.82
C PRO B 128 19.76 8.52 2.37
N GLY B 129 20.74 8.37 3.24
CA GLY B 129 21.03 7.10 3.86
C GLY B 129 19.90 6.63 4.74
N PHE B 130 19.36 7.57 5.52
CA PHE B 130 18.29 7.27 6.45
C PHE B 130 16.97 6.94 5.72
N THR B 131 16.74 7.64 4.62
CA THR B 131 15.59 7.38 3.78
C THR B 131 15.60 5.96 3.25
N ALA B 132 16.75 5.56 2.67
CA ALA B 132 16.97 4.22 2.18
C ALA B 132 16.78 3.21 3.29
N TYR B 133 17.40 3.48 4.43
CA TYR B 133 17.35 2.62 5.59
C TYR B 133 15.92 2.39 6.07
N MSE B 134 15.19 3.47 6.32
CA MSE B 134 13.82 3.32 6.85
C MSE B 134 12.90 2.65 5.83
O MSE B 134 12.14 1.73 6.16
CB MSE B 134 13.23 4.67 7.25
CG MSE B 134 13.95 5.35 8.38
SE MSE B 134 13.69 4.31 10.00
CE MSE B 134 11.72 4.24 9.96
N GLY B 135 12.95 3.13 4.59
CA GLY B 135 12.06 2.62 3.57
C GLY B 135 12.31 1.14 3.29
N LEU B 136 13.57 0.80 3.07
CA LEU B 136 13.89 -0.55 2.69
C LEU B 136 13.70 -1.54 3.83
N LEU B 137 14.22 -1.23 5.01
CA LEU B 137 14.16 -2.20 6.09
C LEU B 137 12.77 -2.32 6.74
N ASP B 138 12.08 -1.19 6.98
CA ASP B 138 10.79 -1.23 7.69
C ASP B 138 9.64 -1.60 6.78
N ILE B 139 9.68 -1.13 5.55
CA ILE B 139 8.61 -1.39 4.60
C ILE B 139 8.97 -2.53 3.65
N GLY B 140 10.17 -2.47 3.06
CA GLY B 140 10.60 -3.49 2.13
C GLY B 140 10.79 -4.84 2.81
N GLN B 141 11.33 -4.81 4.03
CA GLN B 141 11.59 -6.03 4.81
C GLN B 141 12.26 -7.12 3.97
N PRO B 142 13.47 -6.83 3.49
CA PRO B 142 14.17 -7.74 2.58
C PRO B 142 14.54 -9.06 3.25
N LYS B 143 14.30 -10.15 2.54
CA LYS B 143 14.79 -11.49 2.89
C LYS B 143 15.83 -11.93 1.87
N GLU B 144 16.79 -12.76 2.30
CA GLU B 144 17.71 -13.39 1.36
C GLU B 144 17.00 -13.99 0.15
N GLY B 145 17.43 -13.60 -1.04
CA GLY B 145 16.84 -14.13 -2.26
C GLY B 145 15.77 -13.23 -2.88
N ASP B 146 15.35 -12.20 -2.14
CA ASP B 146 14.42 -11.21 -2.70
C ASP B 146 15.10 -10.52 -3.86
N THR B 147 14.35 -10.28 -4.92
CA THR B 147 14.81 -9.40 -5.97
C THR B 147 14.34 -7.97 -5.70
N LEU B 148 15.31 -7.08 -5.54
CA LEU B 148 15.07 -5.67 -5.26
C LEU B 148 15.35 -4.83 -6.49
N VAL B 149 14.40 -3.98 -6.85
CA VAL B 149 14.58 -3.07 -7.98
C VAL B 149 14.45 -1.65 -7.46
N VAL B 150 15.36 -0.78 -7.90
CA VAL B 150 15.28 0.61 -7.53
C VAL B 150 15.79 1.48 -8.69
N ALA B 151 15.01 2.50 -9.03
CA ALA B 151 15.38 3.41 -10.12
C ALA B 151 16.17 4.60 -9.56
N ALA B 152 16.70 5.43 -10.47
CA ALA B 152 17.64 6.48 -10.10
C ALA B 152 18.78 5.84 -9.29
N ALA B 153 19.31 4.74 -9.84
CA ALA B 153 20.21 3.84 -9.12
C ALA B 153 21.51 4.49 -8.68
N THR B 154 21.99 5.51 -9.40
CA THR B 154 23.25 6.13 -9.03
C THR B 154 23.01 7.40 -8.24
N GLY B 155 21.73 7.76 -8.07
CA GLY B 155 21.40 8.89 -7.24
C GLY B 155 21.63 8.53 -5.79
N ALA B 156 21.51 9.52 -4.91
CA ALA B 156 21.86 9.35 -3.50
C ALA B 156 21.04 8.28 -2.77
N VAL B 157 19.71 8.42 -2.81
CA VAL B 157 18.85 7.45 -2.13
C VAL B 157 18.96 6.08 -2.78
N GLY B 158 18.88 6.05 -4.11
CA GLY B 158 18.93 4.82 -4.85
C GLY B 158 20.20 4.04 -4.62
N SER B 159 21.32 4.74 -4.57
CA SER B 159 22.62 4.08 -4.34
C SER B 159 22.64 3.42 -2.97
N MSE B 160 22.08 4.09 -1.98
CA MSE B 160 22.05 3.58 -0.62
C MSE B 160 21.09 2.39 -0.55
O MSE B 160 21.38 1.39 0.11
CB MSE B 160 21.67 4.66 0.39
CG MSE B 160 22.68 5.79 0.53
SE MSE B 160 24.39 5.06 1.22
CE MSE B 160 25.38 4.99 -0.45
N VAL B 161 19.93 2.50 -1.21
CA VAL B 161 18.97 1.39 -1.24
C VAL B 161 19.57 0.12 -1.83
N GLY B 162 20.25 0.25 -2.96
CA GLY B 162 20.84 -0.90 -3.63
C GLY B 162 21.90 -1.58 -2.77
N GLN B 163 22.72 -0.78 -2.10
CA GLN B 163 23.83 -1.32 -1.30
C GLN B 163 23.36 -1.91 0.03
N ILE B 164 22.36 -1.27 0.65
CA ILE B 164 21.77 -1.89 1.84
C ILE B 164 21.07 -3.17 1.42
N GLY B 165 20.38 -3.13 0.28
CA GLY B 165 19.72 -4.33 -0.25
C GLY B 165 20.71 -5.49 -0.44
N LYS B 166 21.85 -5.21 -1.04
CA LYS B 166 22.87 -6.24 -1.28
C LYS B 166 23.36 -6.87 0.02
N LEU B 167 23.64 -6.06 1.03
CA LEU B 167 24.16 -6.61 2.28
C LEU B 167 23.07 -7.36 3.08
N LYS B 168 21.80 -7.14 2.72
CA LYS B 168 20.71 -7.89 3.34
C LYS B 168 20.36 -9.15 2.54
N GLY B 169 21.11 -9.42 1.46
CA GLY B 169 20.97 -10.67 0.75
C GLY B 169 20.10 -10.62 -0.50
N CYS B 170 19.76 -9.42 -0.95
CA CYS B 170 18.93 -9.26 -2.16
C CYS B 170 19.73 -9.39 -3.43
N ARG B 171 19.08 -9.88 -4.48
CA ARG B 171 19.56 -9.67 -5.84
C ARG B 171 19.09 -8.27 -6.21
N VAL B 172 20.04 -7.42 -6.62
CA VAL B 172 19.76 -6.01 -6.75
C VAL B 172 19.87 -5.56 -8.18
N ILE B 173 18.75 -5.09 -8.68
CA ILE B 173 18.65 -4.62 -10.04
C ILE B 173 18.37 -3.14 -10.05
N GLY B 174 19.30 -2.39 -10.62
CA GLY B 174 19.12 -0.97 -10.72
C GLY B 174 18.46 -0.57 -12.03
N ILE B 175 17.90 0.63 -12.03
CA ILE B 175 17.40 1.27 -13.23
C ILE B 175 17.96 2.67 -13.24
N ALA B 176 18.53 3.08 -14.36
CA ALA B 176 19.11 4.40 -14.48
C ALA B 176 19.08 4.85 -15.95
N GLY B 177 19.35 6.13 -16.20
CA GLY B 177 19.32 6.67 -17.55
C GLY B 177 20.66 6.67 -18.27
N GLY B 178 20.77 5.84 -19.31
CA GLY B 178 21.98 5.81 -20.12
C GLY B 178 22.96 4.73 -19.70
N GLU B 179 23.79 4.27 -20.63
CA GLU B 179 24.66 3.13 -20.37
C GLU B 179 25.75 3.44 -19.33
N GLU B 180 26.24 4.68 -19.25
CA GLU B 180 27.33 4.95 -18.33
C GLU B 180 26.93 4.77 -16.87
N LYS B 181 25.80 5.36 -16.49
CA LYS B 181 25.29 5.21 -15.12
C LYS B 181 25.02 3.76 -14.81
N CYS B 182 24.44 3.04 -15.76
CA CYS B 182 24.21 1.62 -15.57
C CYS B 182 25.52 0.87 -15.33
N GLN B 183 26.56 1.17 -16.11
CA GLN B 183 27.85 0.50 -15.91
C GLN B 183 28.50 0.88 -14.56
N PHE B 184 28.42 2.14 -14.17
CA PHE B 184 28.91 2.62 -12.88
C PHE B 184 28.19 1.99 -11.70
N ALA B 185 26.87 1.82 -11.84
CA ALA B 185 26.07 1.19 -10.80
C ALA B 185 26.55 -0.22 -10.53
N LYS B 186 26.87 -0.93 -11.60
CA LYS B 186 27.33 -2.31 -11.52
C LYS B 186 28.77 -2.40 -11.04
N ASP B 187 29.63 -1.53 -11.56
CA ASP B 187 31.07 -1.58 -11.29
C ASP B 187 31.50 -1.01 -9.94
N THR B 188 30.83 0.06 -9.51
CA THR B 188 31.24 0.80 -8.32
C THR B 188 30.25 0.68 -7.16
N LEU B 189 28.96 0.60 -7.46
CA LEU B 189 27.94 0.53 -6.41
C LEU B 189 27.50 -0.89 -6.03
N GLY B 190 27.98 -1.89 -6.77
CA GLY B 190 27.69 -3.29 -6.44
C GLY B 190 26.33 -3.82 -6.89
N PHE B 191 25.62 -3.08 -7.74
CA PHE B 191 24.37 -3.57 -8.34
C PHE B 191 24.66 -4.81 -9.18
N ASP B 192 23.82 -5.83 -9.08
CA ASP B 192 23.98 -7.04 -9.89
C ASP B 192 23.72 -6.73 -11.36
N GLU B 193 22.68 -5.95 -11.61
CA GLU B 193 22.36 -5.51 -12.96
C GLU B 193 21.94 -4.07 -12.90
N CYS B 194 21.98 -3.39 -14.03
CA CYS B 194 21.40 -2.06 -14.09
C CYS B 194 20.88 -1.82 -15.50
N ILE B 195 19.60 -1.51 -15.60
CA ILE B 195 18.92 -1.40 -16.87
C ILE B 195 18.74 0.06 -17.29
N ASP B 196 19.02 0.33 -18.54
CA ASP B 196 18.92 1.67 -19.12
C ASP B 196 17.47 2.04 -19.47
N HIS B 197 16.88 3.01 -18.77
CA HIS B 197 15.46 3.30 -19.01
C HIS B 197 15.22 4.10 -20.30
N LYS B 198 16.29 4.53 -20.95
CA LYS B 198 16.16 5.22 -22.24
C LYS B 198 16.06 4.24 -23.42
N ALA B 199 16.43 2.99 -23.19
CA ALA B 199 16.34 1.97 -24.23
C ALA B 199 14.89 1.74 -24.67
N ALA B 200 14.72 1.55 -25.97
CA ALA B 200 13.40 1.30 -26.55
C ALA B 200 12.82 0.00 -26.00
N ASP B 201 13.69 -0.95 -25.65
CA ASP B 201 13.21 -2.21 -25.11
C ASP B 201 13.55 -2.33 -23.62
N PHE B 202 13.61 -1.18 -22.96
CA PHE B 202 13.74 -1.09 -21.50
C PHE B 202 12.90 -2.13 -20.75
N ALA B 203 11.60 -2.14 -21.04
CA ALA B 203 10.69 -3.02 -20.30
C ALA B 203 11.03 -4.50 -20.49
N GLU B 204 11.37 -4.90 -21.71
CA GLU B 204 11.74 -6.29 -21.95
C GLU B 204 13.11 -6.65 -21.34
N GLN B 205 14.04 -5.70 -21.38
CA GLN B 205 15.34 -5.86 -20.73
C GLN B 205 15.18 -6.07 -19.22
N LEU B 206 14.32 -5.26 -18.60
CA LEU B 206 14.02 -5.41 -17.18
C LEU B 206 13.40 -6.77 -16.90
N ALA B 207 12.43 -7.15 -17.72
CA ALA B 207 11.77 -8.45 -17.59
C ALA B 207 12.78 -9.58 -17.73
N LYS B 208 13.73 -9.41 -18.65
CA LYS B 208 14.73 -10.44 -18.91
C LYS B 208 15.59 -10.70 -17.67
N VAL B 209 16.10 -9.63 -17.06
CA VAL B 209 16.94 -9.77 -15.88
C VAL B 209 16.12 -10.04 -14.61
N CYS B 210 14.85 -9.63 -14.60
CA CYS B 210 13.95 -9.98 -13.50
C CYS B 210 13.20 -11.27 -13.82
N HIS B 211 13.93 -12.33 -14.14
CA HIS B 211 13.33 -13.59 -14.57
C HIS B 211 12.55 -14.30 -13.47
N ASN B 212 12.85 -14.01 -12.21
CA ASN B 212 12.02 -14.55 -11.14
C ASN B 212 11.13 -13.47 -10.53
N GLY B 213 10.91 -12.39 -11.28
CA GLY B 213 10.02 -11.32 -10.84
C GLY B 213 10.65 -10.35 -9.85
N ILE B 214 9.85 -9.41 -9.35
CA ILE B 214 10.31 -8.34 -8.45
C ILE B 214 9.63 -8.46 -7.09
N ASP B 215 10.41 -8.61 -6.04
CA ASP B 215 9.86 -8.74 -4.70
C ASP B 215 9.79 -7.42 -3.95
N ILE B 216 10.75 -6.54 -4.20
CA ILE B 216 10.72 -5.21 -3.62
C ILE B 216 11.03 -4.20 -4.67
N TYR B 217 10.13 -3.23 -4.84
CA TYR B 217 10.42 -2.09 -5.70
C TYR B 217 10.41 -0.83 -4.85
N PHE B 218 11.58 -0.23 -4.70
CA PHE B 218 11.71 1.00 -3.93
C PHE B 218 11.42 2.15 -4.87
N GLU B 219 10.30 2.83 -4.66
CA GLU B 219 9.81 3.81 -5.63
C GLU B 219 10.27 5.24 -5.36
N ASN B 220 11.11 5.75 -6.25
CA ASN B 220 11.62 7.12 -6.25
C ASN B 220 11.10 7.95 -7.41
N VAL B 221 10.58 7.27 -8.43
CA VAL B 221 10.46 7.90 -9.75
C VAL B 221 9.04 7.88 -10.36
N GLY B 222 8.37 6.73 -10.30
CA GLY B 222 7.03 6.61 -10.89
C GLY B 222 7.09 6.61 -12.41
N GLY B 223 6.02 7.08 -13.05
CA GLY B 223 6.01 7.22 -14.50
C GLY B 223 6.29 5.98 -15.32
N LYS B 224 7.05 6.15 -16.40
CA LYS B 224 7.35 5.03 -17.30
C LYS B 224 8.07 3.88 -16.63
N VAL B 225 8.92 4.20 -15.65
CA VAL B 225 9.65 3.15 -14.95
C VAL B 225 8.69 2.26 -14.17
N PHE B 226 7.77 2.86 -13.41
CA PHE B 226 6.83 2.04 -12.66
C PHE B 226 5.94 1.24 -13.63
N ASP B 227 5.62 1.83 -14.77
CA ASP B 227 4.83 1.11 -15.79
C ASP B 227 5.52 -0.20 -16.23
N ALA B 228 6.85 -0.20 -16.32
CA ALA B 228 7.59 -1.41 -16.69
C ALA B 228 7.70 -2.39 -15.52
N VAL B 229 7.78 -1.84 -14.31
CA VAL B 229 7.89 -2.65 -13.10
C VAL B 229 6.60 -3.40 -12.77
N MSE B 230 5.46 -2.71 -12.89
CA MSE B 230 4.20 -3.25 -12.38
C MSE B 230 3.87 -4.68 -12.82
O MSE B 230 3.51 -5.50 -11.98
CB MSE B 230 3.02 -2.30 -12.76
CG MSE B 230 1.72 -2.69 -12.08
SE MSE B 230 0.40 -1.24 -12.21
CE MSE B 230 0.08 -1.31 -14.14
N PRO B 231 4.03 -5.03 -14.12
CA PRO B 231 3.70 -6.39 -14.54
C PRO B 231 4.67 -7.45 -14.02
N LEU B 232 5.83 -7.03 -13.53
CA LEU B 232 6.86 -7.96 -13.08
C LEU B 232 6.80 -8.24 -11.57
N LEU B 233 5.91 -7.54 -10.85
CA LEU B 233 5.80 -7.71 -9.39
C LEU B 233 5.34 -9.11 -9.01
N ASN B 234 5.97 -9.68 -7.98
CA ASN B 234 5.57 -10.98 -7.46
C ASN B 234 4.46 -10.88 -6.43
N THR B 235 3.78 -12.00 -6.18
CA THR B 235 2.87 -12.13 -5.05
C THR B 235 3.65 -11.83 -3.79
N GLY B 236 3.06 -11.02 -2.91
CA GLY B 236 3.72 -10.64 -1.67
C GLY B 236 4.77 -9.57 -1.83
N ALA B 237 4.81 -8.89 -2.97
CA ALA B 237 5.80 -7.83 -3.18
C ALA B 237 5.57 -6.64 -2.24
N ARG B 238 6.63 -5.86 -2.01
CA ARG B 238 6.54 -4.67 -1.16
C ARG B 238 7.06 -3.46 -1.91
N ILE B 239 6.37 -2.33 -1.75
CA ILE B 239 6.74 -1.13 -2.47
C ILE B 239 6.82 0.06 -1.51
N PRO B 240 8.03 0.30 -0.97
CA PRO B 240 8.29 1.54 -0.25
C PRO B 240 8.16 2.70 -1.23
N LEU B 241 7.35 3.69 -0.87
CA LEU B 241 7.04 4.79 -1.76
C LEU B 241 7.63 6.06 -1.18
N CYS B 242 8.65 6.56 -1.84
CA CYS B 242 9.52 7.56 -1.28
C CYS B 242 9.49 8.88 -2.10
N GLY B 243 9.27 8.78 -3.39
CA GLY B 243 9.20 9.95 -4.25
C GLY B 243 8.63 9.57 -5.61
N LEU B 244 8.27 10.56 -6.41
CA LEU B 244 7.75 10.29 -7.76
C LEU B 244 8.32 11.31 -8.71
N ILE B 245 9.65 11.39 -8.75
CA ILE B 245 10.34 12.47 -9.46
C ILE B 245 9.86 12.64 -10.91
N SER B 246 9.60 11.54 -11.61
CA SER B 246 9.26 11.61 -13.04
C SER B 246 8.03 12.48 -13.32
N GLN B 247 7.21 12.73 -12.31
CA GLN B 247 6.02 13.53 -12.57
C GLN B 247 6.13 14.93 -12.00
N TYR B 248 7.28 15.26 -11.42
CA TYR B 248 7.43 16.56 -10.76
C TYR B 248 7.40 17.72 -11.76
N ASN B 249 7.65 17.43 -13.04
CA ASN B 249 7.60 18.45 -14.10
C ASN B 249 6.28 18.48 -14.86
N ALA B 250 5.41 17.52 -14.58
CA ALA B 250 4.15 17.38 -15.31
C ALA B 250 3.18 18.52 -15.05
N THR B 251 2.50 18.99 -16.09
CA THR B 251 1.46 20.01 -15.91
C THR B 251 0.06 19.43 -16.05
N SER B 252 -0.03 18.21 -16.55
CA SER B 252 -1.33 17.54 -16.63
C SER B 252 -1.19 16.03 -16.45
N LEU B 253 -2.31 15.35 -16.24
CA LEU B 253 -2.28 13.89 -16.11
C LEU B 253 -2.08 13.24 -17.48
N PRO B 254 -1.46 12.06 -17.51
CA PRO B 254 -1.30 11.33 -18.77
C PRO B 254 -2.65 11.06 -19.42
N GLU B 255 -2.66 11.00 -20.75
CA GLU B 255 -3.87 10.66 -21.48
C GLU B 255 -4.24 9.18 -21.32
N GLY B 256 -5.26 8.75 -22.04
CA GLY B 256 -5.61 7.34 -22.12
C GLY B 256 -6.50 7.03 -20.96
N PRO B 257 -7.15 5.86 -20.99
CA PRO B 257 -8.13 5.57 -19.94
C PRO B 257 -7.52 5.51 -18.54
N ASP B 258 -8.39 5.62 -17.56
CA ASP B 258 -7.97 5.72 -16.18
C ASP B 258 -7.53 4.35 -15.68
N ARG B 259 -6.27 4.24 -15.29
CA ARG B 259 -5.73 2.96 -14.81
C ARG B 259 -5.63 2.89 -13.30
N MSE B 260 -6.27 3.83 -12.58
CA MSE B 260 -6.22 3.74 -11.12
C MSE B 260 -6.74 2.41 -10.62
O MSE B 260 -6.12 1.80 -9.75
CB MSE B 260 -7.02 4.86 -10.44
CG MSE B 260 -6.88 4.78 -8.91
SE MSE B 260 -7.88 6.17 -7.95
CE MSE B 260 -7.05 7.66 -8.65
N SER B 261 -7.85 1.91 -11.19
CA SER B 261 -8.42 0.63 -10.77
C SER B 261 -7.54 -0.55 -11.17
N MSE B 262 -6.71 -0.38 -12.18
CA MSE B 262 -5.80 -1.47 -12.58
C MSE B 262 -4.68 -1.62 -11.56
O MSE B 262 -4.30 -2.74 -11.23
CB MSE B 262 -5.21 -1.23 -13.97
CG MSE B 262 -6.23 -1.17 -15.08
SE MSE B 262 -7.03 -2.97 -15.39
CE MSE B 262 -8.61 -2.92 -14.20
N LEU B 263 -4.16 -0.49 -11.07
CA LEU B 263 -3.18 -0.56 -9.99
C LEU B 263 -3.75 -1.25 -8.77
N MSE B 264 -4.94 -0.79 -8.35
CA MSE B 264 -5.60 -1.37 -7.18
C MSE B 264 -5.88 -2.86 -7.38
O MSE B 264 -5.66 -3.66 -6.45
CB MSE B 264 -6.89 -0.58 -6.89
CG MSE B 264 -6.54 0.82 -6.42
SE MSE B 264 -8.13 1.86 -5.96
CE MSE B 264 -8.53 1.13 -4.18
N ALA B 265 -6.33 -3.25 -8.57
CA ALA B 265 -6.53 -4.67 -8.87
C ALA B 265 -5.24 -5.45 -8.73
N GLN B 266 -4.13 -4.90 -9.23
CA GLN B 266 -2.83 -5.59 -9.11
C GLN B 266 -2.37 -5.70 -7.64
N LEU B 267 -2.56 -4.64 -6.87
CA LEU B 267 -2.19 -4.70 -5.44
C LEU B 267 -2.97 -5.79 -4.71
N LEU B 268 -4.21 -6.01 -5.13
CA LEU B 268 -5.05 -7.04 -4.51
C LEU B 268 -4.63 -8.46 -4.92
N ILE B 269 -4.60 -8.70 -6.22
CA ILE B 269 -4.38 -10.06 -6.69
C ILE B 269 -2.96 -10.55 -6.41
N LYS B 270 -2.03 -9.62 -6.18
CA LYS B 270 -0.66 -10.02 -5.86
C LYS B 270 -0.34 -9.81 -4.39
N ARG B 271 -1.35 -9.40 -3.61
CA ARG B 271 -1.21 -9.18 -2.18
C ARG B 271 0.00 -8.30 -1.88
N ILE B 272 0.06 -7.16 -2.56
CA ILE B 272 1.19 -6.23 -2.45
C ILE B 272 0.96 -5.15 -1.40
N LYS B 273 2.01 -4.79 -0.68
CA LYS B 273 1.98 -3.62 0.20
C LYS B 273 2.69 -2.42 -0.43
N MSE B 274 1.93 -1.36 -0.67
CA MSE B 274 2.47 -0.10 -1.15
C MSE B 274 2.27 0.94 -0.06
O MSE B 274 1.14 1.17 0.39
CB MSE B 274 1.78 0.36 -2.44
CG MSE B 274 2.34 1.66 -3.02
SE MSE B 274 1.38 2.08 -4.71
CE MSE B 274 2.48 1.09 -5.99
N GLN B 275 3.37 1.56 0.36
CA GLN B 275 3.31 2.39 1.56
C GLN B 275 4.21 3.62 1.40
N GLY B 276 3.58 4.79 1.45
CA GLY B 276 4.28 6.04 1.37
C GLY B 276 4.94 6.35 2.70
N PHE B 277 6.05 7.07 2.65
CA PHE B 277 6.64 7.55 3.87
C PHE B 277 7.40 8.83 3.56
N ILE B 278 7.47 9.70 4.56
CA ILE B 278 8.18 10.98 4.39
C ILE B 278 9.23 11.02 5.47
N ILE B 279 10.48 11.19 5.06
CA ILE B 279 11.57 10.92 5.98
C ILE B 279 11.72 12.03 7.03
N PHE B 280 11.04 13.15 6.81
CA PHE B 280 11.10 14.26 7.76
C PHE B 280 10.08 14.11 8.91
N ASP B 281 9.32 13.02 8.91
CA ASP B 281 8.44 12.76 10.03
C ASP B 281 9.22 12.35 11.27
N ASP B 282 8.50 12.05 12.35
CA ASP B 282 9.12 11.81 13.66
C ASP B 282 9.69 10.40 13.81
N TYR B 283 10.92 10.22 13.34
CA TYR B 283 11.66 8.97 13.49
C TYR B 283 12.88 9.15 14.37
N GLY B 284 12.78 10.06 15.35
CA GLY B 284 13.91 10.39 16.21
C GLY B 284 14.44 9.17 16.95
N HIS B 285 13.53 8.32 17.38
CA HIS B 285 13.86 7.08 18.07
C HIS B 285 14.68 6.09 17.24
N ARG B 286 14.81 6.35 15.94
CA ARG B 286 15.50 5.43 15.01
C ARG B 286 16.86 5.93 14.57
N TYR B 287 17.15 7.20 14.82
CA TYR B 287 18.41 7.83 14.39
C TYR B 287 19.65 7.08 14.88
N GLY B 288 19.66 6.71 16.16
CA GLY B 288 20.79 6.04 16.77
C GLY B 288 21.07 4.69 16.15
N GLU B 289 20.02 3.88 15.95
CA GLU B 289 20.16 2.59 15.30
C GLU B 289 20.68 2.70 13.88
N PHE B 290 20.15 3.66 13.12
CA PHE B 290 20.64 3.94 11.78
C PHE B 290 22.12 4.33 11.77
N ALA B 291 22.50 5.31 12.60
CA ALA B 291 23.90 5.75 12.66
C ALA B 291 24.83 4.60 13.03
N ALA B 292 24.38 3.78 13.96
CA ALA B 292 25.15 2.62 14.41
C ALA B 292 25.30 1.57 13.31
N ASP B 293 24.20 1.22 12.65
CA ASP B 293 24.24 0.27 11.55
C ASP B 293 25.08 0.77 10.39
N MSE B 294 24.87 2.01 9.99
CA MSE B 294 25.60 2.56 8.83
C MSE B 294 27.10 2.73 9.14
O MSE B 294 27.94 2.52 8.27
CB MSE B 294 24.99 3.89 8.40
CG MSE B 294 25.63 4.52 7.16
SE MSE B 294 25.43 3.39 5.55
CE MSE B 294 23.49 3.11 5.69
N THR B 295 27.44 3.10 10.37
CA THR B 295 28.84 3.19 10.75
C THR B 295 29.49 1.81 10.60
N GLN B 296 28.78 0.77 11.05
CA GLN B 296 29.26 -0.60 10.94
C GLN B 296 29.40 -1.01 9.48
N TRP B 297 28.37 -0.75 8.67
CA TRP B 297 28.42 -1.16 7.27
C TRP B 297 29.53 -0.44 6.51
N LEU B 298 29.70 0.85 6.80
CA LEU B 298 30.83 1.60 6.23
C LEU B 298 32.17 0.96 6.60
N ALA B 299 32.34 0.64 7.88
CA ALA B 299 33.61 0.04 8.35
C ALA B 299 33.84 -1.32 7.70
N GLN B 300 32.76 -2.05 7.49
CA GLN B 300 32.81 -3.38 6.88
C GLN B 300 33.04 -3.40 5.36
N GLY B 301 33.15 -2.22 4.75
CA GLY B 301 33.42 -2.16 3.33
C GLY B 301 32.20 -2.43 2.44
N LYS B 302 31.01 -2.37 3.03
CA LYS B 302 29.79 -2.73 2.29
C LYS B 302 29.07 -1.55 1.69
N ILE B 303 29.56 -0.34 1.98
CA ILE B 303 28.94 0.88 1.50
C ILE B 303 29.95 1.81 0.82
N HIS B 304 29.69 2.09 -0.44
CA HIS B 304 30.49 3.05 -1.20
C HIS B 304 29.70 4.33 -1.34
N TYR B 305 30.22 5.43 -0.79
CA TYR B 305 29.51 6.69 -0.89
C TYR B 305 30.23 7.67 -1.82
N ARG B 306 29.54 8.09 -2.89
CA ARG B 306 30.08 9.07 -3.82
C ARG B 306 29.50 10.46 -3.58
N GLU B 307 30.37 11.45 -3.41
CA GLU B 307 29.94 12.83 -3.26
C GLU B 307 30.31 13.65 -4.49
N HIS B 308 29.40 14.54 -4.88
CA HIS B 308 29.59 15.47 -5.98
C HIS B 308 29.53 16.86 -5.37
N LEU B 309 30.70 17.46 -5.16
CA LEU B 309 30.78 18.72 -4.43
C LEU B 309 30.97 19.88 -5.39
N VAL B 310 30.08 20.87 -5.29
CA VAL B 310 30.13 22.06 -6.12
C VAL B 310 30.46 23.28 -5.27
N GLN B 311 31.37 24.11 -5.75
CA GLN B 311 31.80 25.29 -5.02
C GLN B 311 30.96 26.52 -5.36
N GLY B 312 30.48 27.21 -4.33
CA GLY B 312 29.82 28.50 -4.50
C GLY B 312 28.30 28.46 -4.37
N LEU B 313 27.77 29.20 -3.40
CA LEU B 313 26.33 29.31 -3.18
C LEU B 313 25.59 29.80 -4.42
N GLU B 314 26.21 30.72 -5.15
CA GLU B 314 25.61 31.32 -6.33
C GLU B 314 25.48 30.31 -7.48
N ASN B 315 26.17 29.18 -7.36
CA ASN B 315 26.06 28.12 -8.36
C ASN B 315 25.01 27.06 -7.99
N ALA B 316 24.38 27.21 -6.83
CA ALA B 316 23.34 26.28 -6.39
C ALA B 316 22.21 26.13 -7.42
N PRO B 317 21.70 27.24 -7.99
CA PRO B 317 20.66 27.09 -9.01
C PRO B 317 21.09 26.23 -10.20
N ASP B 318 22.24 26.53 -10.79
CA ASP B 318 22.74 25.75 -11.92
C ASP B 318 23.08 24.32 -11.54
N ALA B 319 23.68 24.12 -10.36
CA ALA B 319 23.97 22.78 -9.84
C ALA B 319 22.69 21.95 -9.71
N PHE B 320 21.67 22.56 -9.13
CA PHE B 320 20.38 21.90 -8.93
C PHE B 320 19.73 21.54 -10.26
N ILE B 321 19.78 22.47 -11.22
CA ILE B 321 19.24 22.20 -12.55
C ILE B 321 20.04 21.05 -13.19
N GLY B 322 21.35 21.06 -12.97
CA GLY B 322 22.20 19.97 -13.43
C GLY B 322 21.82 18.64 -12.78
N LEU B 323 21.50 18.68 -11.50
CA LEU B 323 21.03 17.50 -10.77
C LEU B 323 19.78 16.91 -11.40
N LEU B 324 18.80 17.76 -11.71
CA LEU B 324 17.53 17.30 -12.23
C LEU B 324 17.68 16.80 -13.67
N GLU B 325 18.68 17.32 -14.37
CA GLU B 325 18.96 16.86 -15.74
C GLU B 325 19.77 15.57 -15.74
N GLY B 326 20.14 15.10 -14.55
CA GLY B 326 20.89 13.86 -14.39
C GLY B 326 22.36 14.02 -14.69
N LYS B 327 22.83 15.27 -14.64
CA LYS B 327 24.24 15.57 -14.89
C LYS B 327 25.02 15.53 -13.59
N ASN B 328 24.40 14.94 -12.58
CA ASN B 328 25.08 14.69 -11.32
C ASN B 328 25.71 13.30 -11.31
N PHE B 329 26.83 13.15 -10.62
CA PHE B 329 27.32 11.82 -10.30
C PHE B 329 27.66 11.75 -8.82
N GLY B 330 26.79 11.07 -8.07
CA GLY B 330 26.88 10.99 -6.63
C GLY B 330 26.00 12.03 -5.97
N LYS B 331 26.14 12.17 -4.65
CA LYS B 331 25.26 13.05 -3.88
C LYS B 331 25.67 14.51 -4.03
N MSE B 332 24.74 15.33 -4.51
CA MSE B 332 25.01 16.74 -4.78
C MSE B 332 25.08 17.56 -3.49
O MSE B 332 24.12 17.64 -2.73
CB MSE B 332 23.94 17.33 -5.70
CG MSE B 332 24.14 18.80 -6.06
SE MSE B 332 25.54 19.08 -7.38
CE MSE B 332 24.65 18.34 -8.96
N VAL B 333 26.24 18.15 -3.24
CA VAL B 333 26.41 19.06 -2.12
C VAL B 333 27.05 20.34 -2.62
N VAL B 334 26.58 21.47 -2.12
CA VAL B 334 27.14 22.77 -2.49
C VAL B 334 27.87 23.35 -1.28
N GLN B 335 29.15 23.67 -1.46
CA GLN B 335 29.88 24.37 -0.42
C GLN B 335 29.61 25.86 -0.54
N THR B 336 28.94 26.40 0.47
CA THR B 336 28.47 27.77 0.45
C THR B 336 29.53 28.74 0.98
N ASN B 337 30.35 28.25 1.89
CA ASN B 337 31.38 29.07 2.53
C ASN B 337 32.61 28.24 2.86
N GLN B 338 33.74 28.91 3.02
CA GLN B 338 34.89 28.28 3.64
C GLN B 338 34.62 28.21 5.14
N PRO B 339 34.94 27.07 5.76
CA PRO B 339 34.66 26.88 7.20
C PRO B 339 35.51 27.75 8.10
N ARG B 340 35.03 27.98 9.32
CA ARG B 340 35.80 28.73 10.31
C ARG B 340 36.67 27.78 11.15
O1 MES C . -9.63 -12.61 -0.33
C2 MES C . -10.34 -13.28 -1.37
C3 MES C . -11.77 -13.64 -0.96
N4 MES C . -12.45 -12.41 -0.56
C5 MES C . -11.68 -11.27 -0.10
C6 MES C . -10.43 -11.84 0.56
C7 MES C . -13.92 -12.39 -0.64
C8 MES C . -14.51 -11.03 -0.23
S MES C . -16.19 -11.12 -0.40
O1S MES C . -16.69 -12.12 0.57
O2S MES C . -16.54 -11.54 -1.76
O3S MES C . -16.77 -9.79 -0.11
O1 MES D . -11.06 15.75 6.87
C2 MES D . -10.54 15.66 5.54
C3 MES D . -9.20 14.93 5.55
N4 MES D . -8.30 15.59 6.50
C5 MES D . -8.81 15.78 7.85
C6 MES D . -10.18 16.46 7.74
C7 MES D . -6.90 15.19 6.34
C8 MES D . -6.02 16.06 7.25
S MES D . -4.43 15.53 7.23
O1S MES D . -4.05 15.10 5.86
O2S MES D . -4.28 14.38 8.19
O3S MES D . -3.54 16.62 7.70
C1 EDO E . -12.44 -5.34 -15.34
O1 EDO E . -12.34 -4.28 -14.37
C2 EDO E . -12.42 -4.79 -16.76
O2 EDO E . -11.07 -4.78 -17.29
O1 MES F . 10.75 12.02 2.28
C2 MES F . 10.92 10.95 1.36
C3 MES F . 12.24 11.10 0.58
N4 MES F . 12.49 12.48 0.15
C5 MES F . 12.04 13.61 0.97
C6 MES F . 10.68 13.26 1.58
C7 MES F . 13.77 12.74 -0.52
C8 MES F . 13.92 11.90 -1.78
S MES F . 15.27 12.49 -2.59
O1S MES F . 15.71 11.57 -3.65
O2S MES F . 14.87 13.79 -3.18
O3S MES F . 16.37 12.70 -1.62
O1 MES G . 6.96 -12.59 -13.92
C2 MES G . 6.81 -11.77 -12.76
C3 MES G . 6.04 -12.46 -11.63
N4 MES G . 5.28 -13.63 -12.07
C5 MES G . 5.08 -14.04 -13.47
C6 MES G . 5.69 -12.99 -14.40
C7 MES G . 4.82 -14.57 -11.05
C8 MES G . 4.56 -13.77 -9.78
S MES G . 4.38 -14.80 -8.49
O1S MES G . 5.65 -15.45 -8.10
O2S MES G . 3.33 -15.82 -8.79
O3S MES G . 3.97 -14.00 -7.33
O1 MES H . 20.30 -1.43 15.54
C2 MES H . 19.63 -1.91 14.38
C3 MES H . 19.86 -3.40 14.14
N4 MES H . 21.27 -3.74 14.34
C5 MES H . 22.03 -3.12 15.42
C6 MES H . 21.71 -1.63 15.48
C7 MES H . 21.62 -5.11 14.03
C8 MES H . 22.89 -5.08 13.19
S MES H . 22.82 -6.34 12.10
O1S MES H . 21.60 -6.15 11.28
O2S MES H . 22.74 -7.61 12.84
O3S MES H . 24.01 -6.34 11.23
#